data_4XWW
#
_entry.id   4XWW
#
_cell.length_a   67.120
_cell.length_b   87.860
_cell.length_c   249.400
_cell.angle_alpha   90.000
_cell.angle_beta   90.000
_cell.angle_gamma   90.000
#
_symmetry.space_group_name_H-M   'P 21 21 21'
#
loop_
_entity.id
_entity.type
_entity.pdbx_description
1 polymer DR2417
2 polymer "RNA (5'-D(UP*UP*UP*UP*UP*UP*U)-3')"
3 non-polymer 'ZINC ION'
4 non-polymer 'MANGANESE (II) ION'
5 non-polymer GLYCEROL
6 water water
#
loop_
_entity_poly.entity_id
_entity_poly.type
_entity_poly.pdbx_seq_one_letter_code
_entity_poly.pdbx_strand_id
1 'polypeptide(L)'
;MTRPEQPRPESADLPAPTLEVIPLGGMGEIGKNITVFRYGDEIVVVDGGLAFPKAHQMGIDLIVPRIDYLLEHQDKIKGW
ILTHGHEDHIGGLPYIFARLPRVPVYGLPLTLALVREKLSEFGLQDVDLREVTYGDEVRFGQSFVAEFFCMTHSIPDNAG
YILKTPVGDVLHTGDFKIDPDVGTGAGIVSDLERVEQAGKDGVLLLISDSTNAERPGHTPSEAEIARNLEEIIKGCRGRV
FLTTFASQVYRIQNILDLAHRQGRRVVMEGRSMIKYAQAAQATGHMNPPEPFLTSEEVGELQDQQVLFVCTGSQGQPMAV
LGRLAFGTHAKIALRRGDTVILSSNPIPGNEDAVNLIVNRLYEIGVDVVYPPTYRVHASGHASQEELATILNLTRPKFFL
PWHGEPRHQINHAKLAQTLPRPPKRTLIAKNGDIVNLGPDEFRVSGTVAAGAVYVDGLGVGDVNDDVLLDRVNLSQEGLL
ILTAVLHPTPHVEVVARGFARPNRDLELQIRRVALEAVEQGLREKKRLEDVRDDMYGAVRRFTRKATGRNPVLIPMIVD
;
A,B
2 'polyribonucleotide' UUUUUUU D,E
#
# COMPACT_ATOMS: atom_id res chain seq x y z
N PRO A 15 11.15 44.71 -16.74
CA PRO A 15 11.02 44.38 -18.16
C PRO A 15 12.29 43.73 -18.70
N ALA A 16 13.25 43.48 -17.80
CA ALA A 16 14.48 42.79 -18.17
C ALA A 16 14.19 41.33 -18.50
N PRO A 17 14.95 40.74 -19.43
CA PRO A 17 14.76 39.32 -19.77
C PRO A 17 15.04 38.43 -18.57
N THR A 18 14.20 37.41 -18.39
CA THR A 18 14.32 36.54 -17.23
C THR A 18 14.59 35.10 -17.62
N LEU A 19 15.15 34.34 -16.69
CA LEU A 19 15.27 32.91 -16.84
C LEU A 19 13.91 32.32 -16.50
N GLU A 20 13.43 31.36 -17.28
CA GLU A 20 12.25 30.60 -16.90
C GLU A 20 12.73 29.23 -16.51
N VAL A 21 12.35 28.81 -15.31
CA VAL A 21 12.55 27.44 -14.90
C VAL A 21 11.19 26.77 -15.02
N ILE A 22 11.07 25.80 -15.92
CA ILE A 22 9.78 25.18 -16.20
C ILE A 22 9.86 23.68 -15.94
N PRO A 23 9.54 23.25 -14.72
CA PRO A 23 9.46 21.81 -14.44
C PRO A 23 8.37 21.15 -15.27
N LEU A 24 8.68 20.09 -16.00
CA LEU A 24 7.65 19.36 -16.74
C LEU A 24 7.32 18.05 -16.05
N GLY A 25 8.14 17.67 -15.08
CA GLY A 25 7.89 16.47 -14.31
C GLY A 25 8.84 16.46 -13.13
N GLY A 26 8.47 15.75 -12.07
CA GLY A 26 9.31 15.63 -10.89
C GLY A 26 9.04 16.62 -9.78
N MET A 27 8.11 17.54 -10.01
CA MET A 27 7.67 18.47 -8.98
C MET A 27 6.32 18.01 -8.42
N GLY A 28 6.18 17.97 -7.11
CA GLY A 28 4.92 17.53 -6.53
C GLY A 28 4.69 16.03 -6.68
N GLU A 29 5.77 15.33 -7.00
CA GLU A 29 5.76 13.88 -7.17
C GLU A 29 7.19 13.38 -7.04
N ILE A 30 7.33 12.07 -6.85
CA ILE A 30 8.61 11.44 -6.96
C ILE A 30 8.56 10.55 -8.21
N GLY A 31 9.23 11.00 -9.27
CA GLY A 31 9.20 10.31 -10.55
C GLY A 31 9.14 11.24 -11.76
N LYS A 32 9.42 10.65 -12.92
CA LYS A 32 9.50 11.29 -14.24
C LYS A 32 10.05 12.71 -14.22
N ASN A 33 11.24 12.85 -13.65
CA ASN A 33 11.92 14.13 -13.57
C ASN A 33 12.29 14.67 -14.94
N ILE A 34 11.96 15.94 -15.17
CA ILE A 34 12.37 16.65 -16.38
C ILE A 34 12.14 18.14 -16.15
N THR A 35 13.22 18.91 -16.32
CA THR A 35 13.19 20.34 -16.04
C THR A 35 13.74 21.11 -17.23
N VAL A 36 12.98 22.13 -17.62
CA VAL A 36 13.32 22.99 -18.74
C VAL A 36 13.84 24.31 -18.19
N PHE A 37 14.95 24.76 -18.75
CA PHE A 37 15.46 26.12 -18.52
C PHE A 37 15.37 26.91 -19.81
N ARG A 38 14.75 28.08 -19.75
CA ARG A 38 14.63 28.91 -20.95
C ARG A 38 15.10 30.33 -20.70
N TYR A 39 16.02 30.77 -21.55
CA TYR A 39 16.45 32.16 -21.61
C TYR A 39 16.40 32.67 -23.05
N GLY A 40 15.54 33.63 -23.32
CA GLY A 40 15.34 34.12 -24.67
C GLY A 40 14.85 32.98 -25.54
N ASP A 41 15.55 32.74 -26.65
CA ASP A 41 15.13 31.66 -27.55
C ASP A 41 16.02 30.42 -27.42
N GLU A 42 16.61 30.23 -26.24
CA GLU A 42 17.42 29.05 -25.99
C GLU A 42 16.85 28.24 -24.86
N ILE A 43 16.87 26.92 -25.04
CA ILE A 43 16.42 26.01 -24.00
C ILE A 43 17.46 24.94 -23.70
N VAL A 44 17.67 24.68 -22.42
CA VAL A 44 18.41 23.51 -21.97
C VAL A 44 17.44 22.64 -21.19
N VAL A 45 17.45 21.33 -21.44
CA VAL A 45 16.57 20.41 -20.70
C VAL A 45 17.40 19.52 -19.77
N VAL A 46 16.86 19.18 -18.61
CA VAL A 46 17.60 18.35 -17.66
C VAL A 46 16.79 17.08 -17.36
N ASP A 47 17.31 15.94 -17.80
CA ASP A 47 16.76 14.63 -17.47
C ASP A 47 15.52 14.31 -18.31
N GLY A 48 15.13 13.04 -18.31
CA GLY A 48 13.91 12.61 -18.98
C GLY A 48 13.39 11.32 -18.36
N GLY A 49 12.90 11.41 -17.13
CA GLY A 49 12.50 10.24 -16.37
C GLY A 49 11.16 9.62 -16.69
N LEU A 50 10.98 8.38 -16.24
CA LEU A 50 9.63 7.77 -16.18
C LEU A 50 9.14 7.75 -14.73
N ALA A 51 7.86 7.46 -14.56
CA ALA A 51 7.30 7.23 -13.23
C ALA A 51 6.60 5.88 -13.21
N PHE A 52 6.44 5.35 -12.00
CA PHE A 52 5.79 4.06 -11.85
C PHE A 52 4.35 4.27 -11.49
N PRO A 53 3.47 3.40 -12.01
CA PRO A 53 2.02 3.56 -11.83
C PRO A 53 1.60 3.35 -10.39
N LYS A 54 0.60 4.11 -9.97
CA LYS A 54 -0.05 3.89 -8.67
C LYS A 54 -1.09 2.78 -8.79
N ALA A 55 -1.63 2.35 -7.66
CA ALA A 55 -2.60 1.24 -7.62
C ALA A 55 -3.86 1.54 -8.40
N HIS A 56 -4.27 2.81 -8.44
CA HIS A 56 -5.47 3.19 -9.18
C HIS A 56 -5.22 3.23 -10.68
N GLN A 57 -3.95 3.24 -11.09
CA GLN A 57 -3.62 3.24 -12.51
C GLN A 57 -3.40 1.81 -12.99
N MET A 58 -4.49 1.05 -13.03
CA MET A 58 -4.38 -0.38 -13.23
C MET A 58 -4.03 -0.77 -14.67
N GLY A 59 -3.17 -1.76 -14.77
CA GLY A 59 -2.84 -2.35 -16.06
C GLY A 59 -1.71 -1.66 -16.81
N ILE A 60 -1.37 -0.43 -16.44
CA ILE A 60 -0.34 0.26 -17.22
C ILE A 60 1.07 -0.06 -16.70
N ASP A 61 2.06 0.08 -17.59
CA ASP A 61 3.42 -0.32 -17.28
C ASP A 61 4.28 0.81 -16.72
N LEU A 62 4.23 1.97 -17.37
CA LEU A 62 5.00 3.12 -16.88
C LEU A 62 4.37 4.42 -17.35
N ILE A 63 4.87 5.53 -16.81
CA ILE A 63 4.34 6.85 -17.11
C ILE A 63 5.47 7.76 -17.59
N VAL A 64 5.24 8.50 -18.66
CA VAL A 64 6.26 9.41 -19.17
C VAL A 64 5.67 10.80 -19.25
N PRO A 65 6.52 11.84 -19.32
CA PRO A 65 5.98 13.20 -19.26
C PRO A 65 5.33 13.65 -20.55
N ARG A 66 4.31 14.48 -20.44
CA ARG A 66 3.80 15.24 -21.58
C ARG A 66 4.86 16.22 -22.02
N ILE A 67 5.17 16.23 -23.32
CA ILE A 67 6.22 17.12 -23.80
C ILE A 67 5.70 18.13 -24.81
N ASP A 68 4.40 18.43 -24.73
CA ASP A 68 3.79 19.47 -25.56
C ASP A 68 4.66 20.72 -25.65
N TYR A 69 5.19 21.14 -24.51
CA TYR A 69 6.00 22.37 -24.47
C TYR A 69 7.24 22.24 -25.35
N LEU A 70 7.95 21.11 -25.23
CA LEU A 70 9.18 20.89 -25.99
C LEU A 70 8.91 20.79 -27.49
N LEU A 71 7.78 20.20 -27.84
CA LEU A 71 7.39 20.12 -29.25
C LEU A 71 7.14 21.50 -29.82
N GLU A 72 6.49 22.36 -29.05
CA GLU A 72 6.19 23.70 -29.53
C GLU A 72 7.47 24.48 -29.78
N HIS A 73 8.48 24.23 -28.95
CA HIS A 73 9.70 25.02 -28.96
C HIS A 73 10.94 24.21 -29.34
N GLN A 74 10.75 23.17 -30.14
CA GLN A 74 11.82 22.19 -30.37
C GLN A 74 13.06 22.81 -30.99
N ASP A 75 12.87 23.79 -31.87
CA ASP A 75 13.99 24.47 -32.53
C ASP A 75 14.86 25.25 -31.57
N LYS A 76 14.37 25.52 -30.37
CA LYS A 76 15.11 26.33 -29.40
C LYS A 76 15.98 25.46 -28.49
N ILE A 77 15.73 24.15 -28.50
CA ILE A 77 16.42 23.24 -27.59
C ILE A 77 17.90 23.12 -27.98
N LYS A 78 18.78 23.53 -27.07
CA LYS A 78 20.21 23.57 -27.35
C LYS A 78 20.88 22.27 -26.92
N GLY A 79 20.26 21.57 -25.99
CA GLY A 79 20.84 20.34 -25.49
C GLY A 79 20.26 19.84 -24.20
N TRP A 80 20.85 18.75 -23.71
CA TRP A 80 20.35 18.01 -22.59
C TRP A 80 21.46 17.74 -21.58
N ILE A 81 21.09 17.79 -20.30
CA ILE A 81 21.91 17.34 -19.19
C ILE A 81 21.28 16.10 -18.56
N LEU A 82 22.06 15.04 -18.38
CA LEU A 82 21.57 13.84 -17.70
C LEU A 82 22.34 13.65 -16.39
N THR A 83 21.65 13.77 -15.25
CA THR A 83 22.34 13.81 -13.96
C THR A 83 22.80 12.43 -13.45
N HIS A 84 22.03 11.39 -13.76
CA HIS A 84 22.37 10.02 -13.36
C HIS A 84 21.41 9.03 -14.03
N GLY A 85 21.74 7.75 -13.96
CA GLY A 85 21.07 6.74 -14.75
C GLY A 85 19.88 6.04 -14.07
N HIS A 86 19.33 6.60 -12.99
CA HIS A 86 18.08 6.03 -12.42
C HIS A 86 16.92 6.19 -13.39
N GLU A 87 15.98 5.23 -13.35
CA GLU A 87 14.85 5.23 -14.27
C GLU A 87 13.96 6.45 -14.13
N ASP A 88 13.88 7.05 -12.95
CA ASP A 88 13.05 8.26 -12.87
C ASP A 88 13.79 9.50 -13.35
N HIS A 89 14.98 9.32 -13.93
CA HIS A 89 15.66 10.41 -14.62
C HIS A 89 15.99 10.11 -16.09
N ILE A 90 16.07 8.84 -16.47
CA ILE A 90 16.34 8.54 -17.88
C ILE A 90 15.32 7.65 -18.58
N GLY A 91 14.34 7.14 -17.85
CA GLY A 91 13.43 6.16 -18.40
C GLY A 91 12.49 6.64 -19.49
N GLY A 92 12.24 7.94 -19.53
CA GLY A 92 11.41 8.51 -20.58
C GLY A 92 12.13 8.93 -21.85
N LEU A 93 13.46 8.86 -21.85
CA LEU A 93 14.22 9.36 -23.00
C LEU A 93 13.92 8.69 -24.36
N PRO A 94 13.70 7.35 -24.39
CA PRO A 94 13.31 6.74 -25.67
C PRO A 94 12.06 7.37 -26.27
N TYR A 95 11.08 7.64 -25.42
CA TYR A 95 9.82 8.25 -25.84
C TYR A 95 9.98 9.72 -26.22
N ILE A 96 10.76 10.45 -25.43
CA ILE A 96 11.01 11.87 -25.66
C ILE A 96 11.94 12.10 -26.87
N PHE A 97 13.10 11.43 -26.89
CA PHE A 97 14.07 11.68 -27.98
C PHE A 97 13.51 11.32 -29.36
N ALA A 98 12.61 10.33 -29.43
CA ALA A 98 12.06 9.91 -30.72
C ALA A 98 11.22 11.01 -31.37
N ARG A 99 10.72 11.93 -30.56
CA ARG A 99 9.81 12.96 -31.06
C ARG A 99 10.48 14.33 -31.24
N LEU A 100 11.77 14.44 -30.93
CA LEU A 100 12.47 15.72 -30.98
C LEU A 100 13.73 15.69 -31.85
N PRO A 101 14.23 16.88 -32.25
CA PRO A 101 15.48 16.95 -33.00
C PRO A 101 16.67 16.32 -32.27
N ARG A 102 17.64 15.77 -33.00
N ARG A 102 17.64 15.80 -33.00
CA ARG A 102 18.89 15.32 -32.40
CA ARG A 102 18.86 15.32 -32.37
C ARG A 102 19.65 16.54 -31.86
C ARG A 102 19.66 16.51 -31.87
N VAL A 103 19.92 16.54 -30.56
CA VAL A 103 20.65 17.62 -29.91
C VAL A 103 21.72 17.00 -29.01
N PRO A 104 22.73 17.80 -28.62
CA PRO A 104 23.74 17.21 -27.74
C PRO A 104 23.19 16.81 -26.36
N VAL A 105 23.57 15.61 -25.93
CA VAL A 105 23.12 15.04 -24.66
C VAL A 105 24.32 14.70 -23.79
N TYR A 106 24.45 15.41 -22.67
CA TYR A 106 25.64 15.29 -21.80
C TYR A 106 25.40 14.46 -20.56
N GLY A 107 26.34 13.57 -20.23
CA GLY A 107 26.22 12.84 -18.99
C GLY A 107 27.48 12.07 -18.63
N LEU A 108 27.53 11.53 -17.41
CA LEU A 108 28.71 10.76 -17.00
C LEU A 108 28.68 9.31 -17.55
N PRO A 109 29.81 8.59 -17.52
CA PRO A 109 29.87 7.34 -18.30
C PRO A 109 28.81 6.27 -17.97
N LEU A 110 28.52 5.98 -16.71
CA LEU A 110 27.51 4.95 -16.42
C LEU A 110 26.14 5.42 -16.92
N THR A 111 25.87 6.71 -16.74
CA THR A 111 24.61 7.29 -17.20
C THR A 111 24.46 7.06 -18.71
N LEU A 112 25.49 7.39 -19.48
CA LEU A 112 25.40 7.21 -20.92
C LEU A 112 25.35 5.74 -21.33
N ALA A 113 26.05 4.87 -20.60
CA ALA A 113 26.04 3.46 -20.95
C ALA A 113 24.61 2.90 -20.80
N LEU A 114 23.93 3.29 -19.73
CA LEU A 114 22.56 2.86 -19.49
C LEU A 114 21.61 3.43 -20.54
N VAL A 115 21.78 4.71 -20.88
CA VAL A 115 20.92 5.34 -21.89
C VAL A 115 21.18 4.72 -23.26
N ARG A 116 22.46 4.51 -23.58
CA ARG A 116 22.84 3.94 -24.87
C ARG A 116 22.18 2.58 -25.07
N GLU A 117 22.18 1.76 -24.03
CA GLU A 117 21.55 0.45 -24.12
C GLU A 117 20.03 0.56 -24.27
N LYS A 118 19.46 1.51 -23.53
CA LYS A 118 18.03 1.79 -23.59
C LYS A 118 17.61 2.20 -24.99
N LEU A 119 18.37 3.13 -25.58
CA LEU A 119 18.08 3.59 -26.93
C LEU A 119 18.23 2.47 -27.94
N SER A 120 19.22 1.61 -27.71
CA SER A 120 19.44 0.46 -28.58
C SER A 120 18.22 -0.46 -28.63
N GLU A 121 17.68 -0.80 -27.46
CA GLU A 121 16.49 -1.64 -27.35
C GLU A 121 15.35 -1.07 -28.18
N PHE A 122 15.30 0.25 -28.26
CA PHE A 122 14.22 0.94 -28.96
C PHE A 122 14.53 1.20 -30.42
N GLY A 123 15.76 0.91 -30.84
CA GLY A 123 16.16 1.13 -32.22
C GLY A 123 16.41 2.58 -32.56
N LEU A 124 16.46 3.45 -31.55
CA LEU A 124 16.71 4.86 -31.78
C LEU A 124 18.16 5.11 -32.19
N GLN A 125 18.33 5.79 -33.31
CA GLN A 125 19.64 5.97 -33.93
C GLN A 125 20.12 7.41 -33.89
N ASP A 126 21.43 7.57 -33.89
CA ASP A 126 22.09 8.86 -34.04
C ASP A 126 21.79 9.84 -32.93
N VAL A 127 21.52 9.34 -31.72
CA VAL A 127 21.46 10.21 -30.56
C VAL A 127 22.88 10.67 -30.21
N ASP A 128 23.03 11.96 -30.02
CA ASP A 128 24.33 12.59 -29.80
C ASP A 128 24.71 12.57 -28.32
N LEU A 129 25.13 11.39 -27.83
CA LEU A 129 25.60 11.28 -26.45
C LEU A 129 27.06 11.75 -26.29
N ARG A 130 27.27 12.65 -25.33
CA ARG A 130 28.57 13.24 -25.07
C ARG A 130 28.98 13.07 -23.62
N GLU A 131 30.08 12.37 -23.41
CA GLU A 131 30.56 12.07 -22.07
C GLU A 131 31.19 13.28 -21.39
N VAL A 132 30.84 13.47 -20.12
CA VAL A 132 31.53 14.44 -19.28
C VAL A 132 32.07 13.75 -18.05
N THR A 133 32.83 14.49 -17.25
CA THR A 133 33.15 14.01 -15.92
C THR A 133 33.09 15.19 -14.96
N TYR A 134 33.24 14.92 -13.66
CA TYR A 134 33.13 15.97 -12.67
C TYR A 134 34.11 17.10 -12.98
N GLY A 135 33.61 18.32 -12.93
CA GLY A 135 34.41 19.51 -13.16
C GLY A 135 34.31 20.07 -14.55
N ASP A 136 33.82 19.25 -15.48
CA ASP A 136 33.64 19.69 -16.85
C ASP A 136 32.61 20.80 -16.90
N GLU A 137 32.87 21.77 -17.77
CA GLU A 137 31.96 22.87 -18.02
C GLU A 137 31.54 22.84 -19.47
N VAL A 138 30.25 22.77 -19.72
CA VAL A 138 29.78 22.60 -21.09
C VAL A 138 28.89 23.77 -21.50
N ARG A 139 28.96 24.19 -22.76
CA ARG A 139 28.18 25.35 -23.20
C ARG A 139 26.93 24.98 -24.03
N PHE A 140 25.82 25.65 -23.74
CA PHE A 140 24.59 25.52 -24.53
C PHE A 140 24.20 26.88 -25.08
N GLY A 141 24.32 27.06 -26.39
CA GLY A 141 24.05 28.34 -27.03
C GLY A 141 24.84 29.48 -26.40
N GLN A 142 24.29 30.68 -26.47
CA GLN A 142 24.94 31.89 -25.96
C GLN A 142 24.78 32.11 -24.47
N SER A 143 23.70 31.59 -23.88
CA SER A 143 23.23 32.05 -22.59
C SER A 143 23.54 31.10 -21.42
N PHE A 144 23.90 29.86 -21.74
CA PHE A 144 24.03 28.83 -20.72
C PHE A 144 25.40 28.16 -20.68
N VAL A 145 25.95 28.04 -19.47
CA VAL A 145 27.08 27.15 -19.22
C VAL A 145 26.78 26.27 -18.01
N ALA A 146 26.98 24.95 -18.16
CA ALA A 146 26.71 24.03 -17.06
C ALA A 146 28.00 23.38 -16.57
N GLU A 147 28.19 23.38 -15.25
CA GLU A 147 29.35 22.79 -14.61
C GLU A 147 28.94 21.61 -13.73
N PHE A 148 29.50 20.44 -13.98
CA PHE A 148 29.12 19.23 -13.27
C PHE A 148 29.92 19.08 -11.99
N PHE A 149 29.30 18.58 -10.92
CA PHE A 149 30.09 18.21 -9.75
C PHE A 149 29.51 16.95 -9.10
N CYS A 150 30.35 16.25 -8.34
CA CYS A 150 29.96 14.96 -7.78
C CYS A 150 29.06 15.10 -6.57
N MET A 151 27.96 14.34 -6.56
CA MET A 151 27.19 14.15 -5.32
C MET A 151 26.95 12.67 -5.11
N THR A 152 27.25 12.16 -3.93
CA THR A 152 26.94 10.76 -3.63
C THR A 152 25.44 10.49 -3.71
N HIS A 153 25.12 9.27 -4.13
CA HIS A 153 23.74 8.82 -4.34
C HIS A 153 23.81 7.30 -4.35
N SER A 154 22.70 6.66 -4.70
CA SER A 154 22.58 5.21 -4.64
C SER A 154 22.96 4.54 -5.97
N ILE A 155 23.46 5.35 -6.91
CA ILE A 155 24.02 4.86 -8.18
C ILE A 155 25.29 5.68 -8.46
N PRO A 156 26.32 5.07 -9.06
CA PRO A 156 27.54 5.83 -9.41
C PRO A 156 27.31 6.87 -10.51
N ASP A 157 28.28 7.77 -10.69
CA ASP A 157 28.27 8.74 -11.78
C ASP A 157 27.03 9.62 -11.68
N ASN A 158 26.77 10.05 -10.45
CA ASN A 158 25.67 10.94 -10.12
C ASN A 158 26.17 12.36 -9.95
N ALA A 159 25.56 13.31 -10.65
CA ALA A 159 26.03 14.68 -10.60
C ALA A 159 24.98 15.64 -10.13
N GLY A 160 25.45 16.69 -9.47
CA GLY A 160 24.73 17.94 -9.44
C GLY A 160 25.36 18.85 -10.48
N TYR A 161 24.78 20.02 -10.70
CA TYR A 161 25.39 20.96 -11.64
C TYR A 161 25.11 22.40 -11.25
N ILE A 162 25.99 23.28 -11.69
CA ILE A 162 25.74 24.71 -11.62
C ILE A 162 25.46 25.22 -13.03
N LEU A 163 24.27 25.78 -13.19
CA LEU A 163 23.87 26.37 -14.46
C LEU A 163 24.06 27.86 -14.39
N LYS A 164 25.02 28.35 -15.18
CA LYS A 164 25.40 29.75 -15.17
C LYS A 164 24.64 30.44 -16.27
N THR A 165 23.85 31.45 -15.90
CA THR A 165 22.92 32.09 -16.83
C THR A 165 23.16 33.60 -16.79
N PRO A 166 22.55 34.35 -17.73
CA PRO A 166 22.70 35.81 -17.68
C PRO A 166 22.15 36.49 -16.40
N VAL A 167 21.27 35.83 -15.66
CA VAL A 167 20.72 36.47 -14.48
C VAL A 167 21.46 36.05 -13.21
N GLY A 168 22.33 35.03 -13.34
CA GLY A 168 23.05 34.49 -12.20
C GLY A 168 23.10 32.97 -12.23
N ASP A 169 23.51 32.38 -11.11
CA ASP A 169 23.74 30.93 -11.07
C ASP A 169 22.63 30.14 -10.40
N VAL A 170 22.26 29.02 -11.02
CA VAL A 170 21.37 28.03 -10.40
C VAL A 170 22.22 26.84 -9.97
N LEU A 171 22.14 26.47 -8.69
CA LEU A 171 22.73 25.21 -8.26
C LEU A 171 21.65 24.16 -8.11
N HIS A 172 21.80 23.06 -8.83
CA HIS A 172 20.86 21.94 -8.73
C HIS A 172 21.63 20.80 -8.08
N THR A 173 21.17 20.34 -6.91
CA THR A 173 21.89 19.30 -6.18
C THR A 173 21.90 17.96 -6.90
N GLY A 174 20.96 17.78 -7.84
CA GLY A 174 20.57 16.46 -8.30
C GLY A 174 19.96 15.68 -7.15
N ASP A 175 19.74 14.40 -7.40
CA ASP A 175 19.36 13.49 -6.32
C ASP A 175 20.61 13.17 -5.54
N PHE A 176 20.57 13.27 -4.22
CA PHE A 176 21.79 13.10 -3.44
C PHE A 176 21.59 12.72 -1.99
N LYS A 177 22.64 12.14 -1.41
CA LYS A 177 22.86 12.09 0.03
C LYS A 177 24.26 12.61 0.27
N ILE A 178 24.66 12.82 1.52
CA ILE A 178 26.06 13.16 1.76
C ILE A 178 26.69 11.99 2.49
N ASP A 179 27.20 11.05 1.71
CA ASP A 179 27.84 9.87 2.29
C ASP A 179 29.33 10.07 2.41
N PRO A 180 29.84 10.03 3.64
CA PRO A 180 31.29 10.27 3.80
C PRO A 180 32.17 9.13 3.28
N ASP A 181 31.59 7.96 3.04
CA ASP A 181 32.35 6.82 2.55
C ASP A 181 31.41 5.74 2.01
N VAL A 182 31.28 5.64 0.70
CA VAL A 182 30.38 4.64 0.13
C VAL A 182 30.99 3.23 0.25
N GLY A 183 32.26 3.17 0.63
CA GLY A 183 32.84 1.91 1.09
C GLY A 183 33.61 1.10 0.05
N THR A 184 33.65 1.60 -1.18
CA THR A 184 34.19 0.82 -2.29
C THR A 184 35.67 1.09 -2.52
N GLY A 185 36.28 1.91 -1.68
CA GLY A 185 37.70 2.15 -1.74
C GLY A 185 38.13 2.98 -2.94
N ALA A 186 37.19 3.70 -3.53
CA ALA A 186 37.48 4.44 -4.76
C ALA A 186 37.58 5.95 -4.53
N GLY A 187 37.53 6.37 -3.26
CA GLY A 187 37.66 7.77 -2.92
C GLY A 187 36.45 8.62 -3.26
N ILE A 188 35.33 8.01 -3.59
CA ILE A 188 34.16 8.77 -3.99
C ILE A 188 33.58 9.57 -2.84
N VAL A 189 33.45 10.88 -3.03
CA VAL A 189 32.81 11.75 -2.04
C VAL A 189 32.09 12.92 -2.70
N SER A 190 31.07 13.45 -2.04
CA SER A 190 30.38 14.63 -2.56
C SER A 190 31.32 15.82 -2.61
N ASP A 191 31.21 16.62 -3.65
CA ASP A 191 32.07 17.79 -3.80
C ASP A 191 31.57 18.99 -2.98
N LEU A 192 31.70 18.89 -1.65
CA LEU A 192 31.17 19.96 -0.80
C LEU A 192 32.03 21.22 -0.88
N GLU A 193 33.30 21.04 -1.24
CA GLU A 193 34.19 22.17 -1.50
C GLU A 193 33.62 23.03 -2.63
N ARG A 194 33.18 22.38 -3.70
CA ARG A 194 32.67 23.10 -4.85
C ARG A 194 31.36 23.79 -4.51
N VAL A 195 30.52 23.09 -3.73
CA VAL A 195 29.24 23.64 -3.32
C VAL A 195 29.45 24.86 -2.42
N GLU A 196 30.38 24.75 -1.47
CA GLU A 196 30.68 25.88 -0.60
C GLU A 196 31.21 27.07 -1.40
N GLN A 197 32.06 26.81 -2.39
CA GLN A 197 32.57 27.85 -3.26
C GLN A 197 31.41 28.52 -4.00
N ALA A 198 30.43 27.72 -4.42
CA ALA A 198 29.31 28.26 -5.17
C ALA A 198 28.53 29.24 -4.28
N GLY A 199 28.38 28.89 -3.01
CA GLY A 199 27.77 29.77 -2.03
C GLY A 199 28.52 31.12 -1.90
N LYS A 200 29.84 31.08 -1.94
CA LYS A 200 30.63 32.32 -1.84
C LYS A 200 30.55 33.15 -3.13
N ASP A 201 30.58 32.47 -4.26
CA ASP A 201 30.43 33.14 -5.56
C ASP A 201 29.07 33.81 -5.67
N GLY A 202 28.08 33.15 -5.07
CA GLY A 202 26.68 33.59 -5.09
C GLY A 202 25.82 32.55 -5.80
N VAL A 203 24.87 31.95 -5.08
CA VAL A 203 23.87 31.10 -5.70
C VAL A 203 22.54 31.87 -5.75
N LEU A 204 22.05 32.20 -6.94
CA LEU A 204 20.75 32.87 -7.06
C LEU A 204 19.59 31.94 -6.72
N LEU A 205 19.63 30.73 -7.26
CA LEU A 205 18.56 29.77 -7.04
C LEU A 205 19.14 28.42 -6.68
N LEU A 206 18.65 27.84 -5.59
CA LEU A 206 18.95 26.45 -5.26
C LEU A 206 17.76 25.54 -5.57
N ILE A 207 18.03 24.45 -6.27
CA ILE A 207 17.05 23.37 -6.48
C ILE A 207 17.57 22.13 -5.76
N SER A 208 16.79 21.59 -4.81
CA SER A 208 17.32 20.53 -3.97
C SER A 208 16.33 19.39 -3.73
N ASP A 209 16.92 18.22 -3.56
CA ASP A 209 16.21 16.95 -3.44
C ASP A 209 15.43 16.85 -2.13
N SER A 210 14.10 16.78 -2.21
CA SER A 210 13.28 16.81 -1.00
C SER A 210 12.81 15.45 -0.51
N THR A 211 13.27 14.39 -1.16
CA THR A 211 12.76 13.04 -0.90
C THR A 211 12.61 12.70 0.58
N ASN A 212 13.68 12.94 1.33
CA ASN A 212 13.72 12.57 2.73
C ASN A 212 13.62 13.79 3.65
N ALA A 213 12.94 14.82 3.19
CA ALA A 213 12.88 16.06 3.97
C ALA A 213 12.14 15.91 5.31
N GLU A 214 11.35 14.84 5.47
CA GLU A 214 10.62 14.61 6.73
C GLU A 214 11.41 13.76 7.72
N ARG A 215 12.58 13.29 7.29
CA ARG A 215 13.44 12.44 8.12
C ARG A 215 14.51 13.23 8.87
N PRO A 216 14.48 13.18 10.21
CA PRO A 216 15.47 13.94 10.97
C PRO A 216 16.82 13.26 10.90
N GLY A 217 17.89 13.99 11.20
CA GLY A 217 19.21 13.40 11.28
C GLY A 217 19.91 13.24 9.95
N HIS A 218 20.78 12.24 9.88
CA HIS A 218 21.65 12.01 8.74
C HIS A 218 21.40 10.59 8.21
N THR A 219 21.30 10.45 6.90
CA THR A 219 21.10 9.13 6.29
C THR A 219 22.33 8.29 6.59
N PRO A 220 22.15 7.00 6.91
CA PRO A 220 23.34 6.19 7.20
C PRO A 220 24.24 5.99 6.01
N SER A 221 25.52 5.77 6.28
CA SER A 221 26.55 5.54 5.25
C SER A 221 26.52 4.13 4.68
N GLU A 222 26.85 3.99 3.39
CA GLU A 222 26.99 2.64 2.81
C GLU A 222 28.11 1.86 3.50
N ALA A 223 29.09 2.55 4.09
CA ALA A 223 30.15 1.81 4.76
C ALA A 223 29.61 1.11 6.01
N GLU A 224 28.67 1.75 6.69
CA GLU A 224 28.05 1.14 7.88
C GLU A 224 27.18 -0.04 7.48
N ILE A 225 26.39 0.13 6.42
CA ILE A 225 25.55 -0.96 5.93
C ILE A 225 26.44 -2.16 5.52
N ALA A 226 27.57 -1.90 4.86
CA ALA A 226 28.48 -2.99 4.48
C ALA A 226 29.02 -3.73 5.70
N ARG A 227 29.40 -2.97 6.73
CA ARG A 227 29.87 -3.58 7.98
C ARG A 227 28.77 -4.45 8.60
N ASN A 228 27.56 -3.93 8.61
CA ASN A 228 26.43 -4.67 9.16
C ASN A 228 26.14 -5.96 8.40
N LEU A 229 26.19 -5.86 7.06
CA LEU A 229 25.96 -7.04 6.21
C LEU A 229 27.06 -8.07 6.44
N GLU A 230 28.31 -7.63 6.58
CA GLU A 230 29.37 -8.61 6.78
C GLU A 230 29.20 -9.34 8.12
N GLU A 231 28.77 -8.62 9.14
CA GLU A 231 28.57 -9.23 10.46
C GLU A 231 27.47 -10.29 10.39
N ILE A 232 26.36 -9.97 9.74
CA ILE A 232 25.27 -10.93 9.56
C ILE A 232 25.71 -12.14 8.75
N ILE A 233 26.32 -11.89 7.59
CA ILE A 233 26.65 -12.97 6.67
C ILE A 233 27.72 -13.90 7.26
N LYS A 234 28.69 -13.32 7.97
CA LYS A 234 29.72 -14.12 8.64
C LYS A 234 29.08 -15.15 9.58
N GLY A 235 27.95 -14.77 10.15
CA GLY A 235 27.23 -15.63 11.08
C GLY A 235 26.24 -16.61 10.45
N CYS A 236 26.02 -16.52 9.14
CA CYS A 236 25.06 -17.42 8.48
C CYS A 236 25.63 -18.81 8.26
N ARG A 237 24.89 -19.81 8.74
CA ARG A 237 25.34 -21.20 8.77
C ARG A 237 25.25 -21.83 7.39
N GLY A 238 24.31 -21.35 6.58
CA GLY A 238 24.03 -22.00 5.30
C GLY A 238 24.13 -21.05 4.12
N ARG A 239 23.32 -21.29 3.10
CA ARG A 239 23.27 -20.42 1.94
C ARG A 239 22.72 -19.04 2.29
N VAL A 240 23.18 -18.01 1.58
CA VAL A 240 22.66 -16.66 1.72
C VAL A 240 22.11 -16.19 0.38
N PHE A 241 20.89 -15.67 0.43
CA PHE A 241 20.28 -14.96 -0.69
C PHE A 241 20.08 -13.53 -0.26
N LEU A 242 20.46 -12.60 -1.12
CA LEU A 242 20.29 -11.19 -0.80
C LEU A 242 19.66 -10.48 -2.01
N THR A 243 18.72 -9.58 -1.74
CA THR A 243 18.13 -8.74 -2.79
C THR A 243 18.30 -7.29 -2.45
N THR A 244 18.51 -6.48 -3.48
CA THR A 244 18.61 -5.04 -3.35
C THR A 244 18.26 -4.52 -4.75
N PHE A 245 18.26 -3.21 -4.97
CA PHE A 245 18.07 -2.69 -6.33
C PHE A 245 19.23 -3.14 -7.20
N ALA A 246 18.99 -3.59 -8.43
CA ALA A 246 20.09 -4.06 -9.28
C ALA A 246 21.09 -2.94 -9.61
N SER A 247 20.62 -1.70 -9.50
CA SER A 247 21.47 -0.56 -9.79
C SER A 247 22.24 -0.01 -8.57
N GLN A 248 22.10 -0.67 -7.42
CA GLN A 248 22.81 -0.20 -6.23
C GLN A 248 24.22 -0.73 -6.31
N VAL A 249 25.00 -0.14 -7.20
CA VAL A 249 26.33 -0.64 -7.48
C VAL A 249 27.25 -0.59 -6.27
N TYR A 250 27.20 0.48 -5.47
CA TYR A 250 28.06 0.50 -4.27
C TYR A 250 27.73 -0.65 -3.31
N ARG A 251 26.45 -0.78 -2.98
CA ARG A 251 25.95 -1.88 -2.14
C ARG A 251 26.41 -3.25 -2.65
N ILE A 252 26.19 -3.49 -3.94
CA ILE A 252 26.54 -4.78 -4.51
C ILE A 252 28.06 -4.99 -4.50
N GLN A 253 28.83 -3.97 -4.85
CA GLN A 253 30.28 -4.13 -4.84
C GLN A 253 30.77 -4.47 -3.42
N ASN A 254 30.24 -3.76 -2.43
CA ASN A 254 30.63 -4.04 -1.06
C ASN A 254 30.24 -5.46 -0.64
N ILE A 255 29.13 -5.96 -1.17
CA ILE A 255 28.74 -7.34 -0.91
C ILE A 255 29.71 -8.32 -1.60
N LEU A 256 30.14 -7.99 -2.81
CA LEU A 256 31.12 -8.85 -3.50
C LEU A 256 32.39 -8.96 -2.66
N ASP A 257 32.82 -7.84 -2.13
CA ASP A 257 34.08 -7.85 -1.37
C ASP A 257 33.93 -8.57 -0.04
N LEU A 258 32.83 -8.36 0.68
CA LEU A 258 32.67 -9.10 1.94
C LEU A 258 32.46 -10.58 1.68
N ALA A 259 31.83 -10.93 0.56
CA ALA A 259 31.64 -12.34 0.20
C ALA A 259 32.98 -13.03 0.05
N HIS A 260 33.89 -12.37 -0.65
CA HIS A 260 35.23 -12.91 -0.81
C HIS A 260 35.90 -13.12 0.55
N ARG A 261 35.82 -12.11 1.42
CA ARG A 261 36.44 -12.23 2.75
C ARG A 261 35.80 -13.36 3.54
N GLN A 262 34.54 -13.63 3.27
CA GLN A 262 33.84 -14.63 4.06
C GLN A 262 33.81 -16.01 3.40
N GLY A 263 34.59 -16.17 2.32
CA GLY A 263 34.71 -17.49 1.71
C GLY A 263 33.50 -17.95 0.90
N ARG A 264 32.71 -17.00 0.43
CA ARG A 264 31.53 -17.31 -0.38
C ARG A 264 31.68 -16.85 -1.84
N ARG A 265 31.25 -17.68 -2.77
CA ARG A 265 31.21 -17.29 -4.19
C ARG A 265 29.86 -16.70 -4.51
N VAL A 266 29.79 -15.85 -5.52
CA VAL A 266 28.59 -15.06 -5.76
C VAL A 266 27.90 -15.43 -7.08
N VAL A 267 26.58 -15.56 -7.02
CA VAL A 267 25.77 -15.75 -8.21
C VAL A 267 24.90 -14.53 -8.37
N MET A 268 24.95 -13.93 -9.56
CA MET A 268 24.07 -12.81 -9.86
C MET A 268 22.85 -13.38 -10.55
N GLU A 269 21.68 -13.18 -9.94
CA GLU A 269 20.46 -13.80 -10.43
C GLU A 269 19.41 -12.76 -10.82
N GLY A 270 18.88 -12.89 -12.02
CA GLY A 270 17.81 -12.01 -12.44
C GLY A 270 18.35 -11.17 -13.58
N ARG A 271 17.56 -11.07 -14.65
CA ARG A 271 17.98 -10.36 -15.85
C ARG A 271 18.56 -8.98 -15.53
N SER A 272 17.84 -8.24 -14.70
CA SER A 272 18.24 -6.88 -14.37
C SER A 272 19.57 -6.82 -13.60
N MET A 273 19.83 -7.78 -12.73
CA MET A 273 21.10 -7.82 -12.01
C MET A 273 22.27 -7.95 -12.98
N ILE A 274 22.12 -8.86 -13.94
CA ILE A 274 23.15 -9.10 -14.94
C ILE A 274 23.35 -7.85 -15.80
N LYS A 275 22.26 -7.16 -16.11
CA LYS A 275 22.31 -5.97 -16.94
C LYS A 275 23.09 -4.83 -16.28
N TYR A 276 22.74 -4.50 -15.04
CA TYR A 276 23.43 -3.39 -14.36
C TYR A 276 24.88 -3.76 -14.06
N ALA A 277 25.12 -5.03 -13.73
CA ALA A 277 26.47 -5.50 -13.44
C ALA A 277 27.35 -5.32 -14.68
N GLN A 278 26.77 -5.58 -15.84
CA GLN A 278 27.48 -5.44 -17.10
C GLN A 278 27.89 -4.00 -17.34
N ALA A 279 26.93 -3.09 -17.17
CA ALA A 279 27.16 -1.66 -17.35
C ALA A 279 28.16 -1.13 -16.31
N ALA A 280 27.99 -1.54 -15.05
CA ALA A 280 28.90 -1.10 -13.99
C ALA A 280 30.33 -1.59 -14.25
N GLN A 281 30.48 -2.83 -14.69
CA GLN A 281 31.83 -3.34 -14.97
C GLN A 281 32.44 -2.63 -16.17
N ALA A 282 31.64 -2.38 -17.21
CA ALA A 282 32.16 -1.71 -18.41
C ALA A 282 32.64 -0.29 -18.12
N THR A 283 32.11 0.32 -17.07
CA THR A 283 32.47 1.70 -16.76
C THR A 283 33.32 1.77 -15.50
N GLY A 284 33.83 0.63 -15.07
CA GLY A 284 34.79 0.57 -13.98
C GLY A 284 34.27 0.73 -12.56
N HIS A 285 32.95 0.70 -12.38
CA HIS A 285 32.40 0.90 -11.04
C HIS A 285 32.23 -0.41 -10.27
N MET A 286 32.26 -1.52 -10.98
CA MET A 286 32.12 -2.83 -10.35
C MET A 286 33.29 -3.72 -10.74
N ASN A 287 33.93 -4.31 -9.73
CA ASN A 287 35.10 -5.13 -9.92
C ASN A 287 35.04 -6.36 -9.03
N PRO A 288 34.45 -7.45 -9.53
CA PRO A 288 34.31 -8.66 -8.71
C PRO A 288 35.68 -9.25 -8.41
N PRO A 289 35.98 -9.49 -7.13
CA PRO A 289 37.28 -10.01 -6.72
C PRO A 289 37.48 -11.45 -7.16
N GLU A 290 36.38 -12.17 -7.34
CA GLU A 290 36.38 -13.48 -7.99
C GLU A 290 35.28 -13.49 -9.02
N PRO A 291 35.46 -14.26 -10.10
CA PRO A 291 34.42 -14.37 -11.13
C PRO A 291 33.05 -14.77 -10.57
N PHE A 292 31.98 -14.17 -11.09
CA PHE A 292 30.63 -14.66 -10.82
C PHE A 292 30.49 -16.13 -11.23
N LEU A 293 29.70 -16.88 -10.47
CA LEU A 293 29.36 -18.26 -10.83
C LEU A 293 27.89 -18.37 -11.19
N THR A 294 27.51 -19.46 -11.86
CA THR A 294 26.10 -19.74 -12.13
C THR A 294 25.53 -20.56 -11.00
N SER A 295 24.21 -20.66 -10.96
CA SER A 295 23.54 -21.45 -9.93
C SER A 295 23.94 -22.91 -10.01
N GLU A 296 24.20 -23.38 -11.23
CA GLU A 296 24.66 -24.75 -11.41
C GLU A 296 26.03 -24.95 -10.78
N GLU A 297 26.91 -23.96 -10.98
CA GLU A 297 28.29 -24.04 -10.52
C GLU A 297 28.41 -23.98 -8.98
N VAL A 298 27.57 -23.18 -8.33
CA VAL A 298 27.64 -23.11 -6.86
C VAL A 298 26.98 -24.28 -6.19
N GLY A 299 26.16 -25.01 -6.95
CA GLY A 299 25.55 -26.23 -6.45
C GLY A 299 26.61 -27.27 -6.13
N GLU A 300 27.80 -27.09 -6.69
CA GLU A 300 28.94 -27.96 -6.42
C GLU A 300 29.57 -27.69 -5.06
N LEU A 301 29.27 -26.52 -4.51
CA LEU A 301 29.88 -26.04 -3.27
C LEU A 301 29.03 -26.35 -2.02
N GLN A 302 29.64 -26.24 -0.84
CA GLN A 302 28.88 -26.41 0.40
C GLN A 302 28.01 -25.17 0.61
N ASP A 303 26.90 -25.34 1.31
CA ASP A 303 25.94 -24.26 1.51
C ASP A 303 26.58 -22.96 2.00
N GLN A 304 27.50 -23.07 2.96
CA GLN A 304 28.06 -21.85 3.57
C GLN A 304 29.05 -21.12 2.65
N GLN A 305 29.27 -21.67 1.45
CA GLN A 305 30.17 -21.06 0.47
C GLN A 305 29.41 -20.28 -0.60
N VAL A 306 28.12 -20.10 -0.40
CA VAL A 306 27.29 -19.61 -1.49
C VAL A 306 26.54 -18.31 -1.16
N LEU A 307 26.62 -17.34 -2.07
CA LEU A 307 25.81 -16.13 -1.93
C LEU A 307 25.12 -15.79 -3.26
N PHE A 308 23.80 -15.64 -3.21
CA PHE A 308 23.02 -15.23 -4.36
C PHE A 308 22.63 -13.77 -4.21
N VAL A 309 22.95 -12.95 -5.21
CA VAL A 309 22.48 -11.57 -5.24
C VAL A 309 21.37 -11.54 -6.28
N CYS A 310 20.14 -11.21 -5.84
N CYS A 310 20.17 -11.15 -5.93
CA CYS A 310 18.90 -11.48 -6.60
CA CYS A 310 19.13 -11.30 -6.91
C CYS A 310 18.04 -10.24 -6.86
C CYS A 310 18.09 -10.22 -6.92
N THR A 311 17.35 -10.22 -8.01
CA THR A 311 16.33 -9.23 -8.29
C THR A 311 15.08 -9.47 -7.42
N GLY A 312 14.27 -8.43 -7.26
CA GLY A 312 13.00 -8.60 -6.60
C GLY A 312 12.79 -7.87 -5.30
N SER A 313 13.61 -6.84 -5.04
CA SER A 313 13.61 -6.18 -3.74
C SER A 313 12.30 -5.49 -3.40
N GLN A 314 11.50 -5.20 -4.43
CA GLN A 314 10.22 -4.52 -4.22
C GLN A 314 9.03 -5.47 -4.31
N GLY A 315 9.29 -6.76 -4.18
CA GLY A 315 8.19 -7.73 -4.10
C GLY A 315 7.60 -8.20 -5.42
N GLN A 316 8.28 -7.90 -6.52
CA GLN A 316 7.83 -8.31 -7.85
C GLN A 316 7.69 -9.83 -7.89
N PRO A 317 6.46 -10.35 -8.09
CA PRO A 317 6.26 -11.80 -8.10
C PRO A 317 7.07 -12.57 -9.15
N MET A 318 7.41 -11.95 -10.28
CA MET A 318 8.14 -12.65 -11.32
C MET A 318 9.64 -12.41 -11.28
N ALA A 319 10.12 -11.58 -10.35
CA ALA A 319 11.55 -11.44 -10.17
C ALA A 319 12.05 -12.65 -9.40
N VAL A 320 13.35 -12.70 -9.17
CA VAL A 320 13.95 -13.93 -8.63
C VAL A 320 13.48 -14.22 -7.21
N LEU A 321 13.56 -13.24 -6.33
CA LEU A 321 13.12 -13.44 -4.97
C LEU A 321 11.64 -13.89 -4.94
N GLY A 322 10.79 -13.23 -5.72
CA GLY A 322 9.39 -13.65 -5.83
C GLY A 322 9.22 -15.11 -6.20
N ARG A 323 9.95 -15.56 -7.22
CA ARG A 323 9.81 -16.94 -7.62
C ARG A 323 10.37 -17.89 -6.56
N LEU A 324 11.46 -17.52 -5.91
CA LEU A 324 11.99 -18.32 -4.80
C LEU A 324 10.96 -18.44 -3.66
N ALA A 325 10.32 -17.32 -3.33
CA ALA A 325 9.36 -17.25 -2.22
C ALA A 325 8.13 -18.07 -2.52
N PHE A 326 7.75 -18.13 -3.79
CA PHE A 326 6.52 -18.85 -4.13
C PHE A 326 6.78 -20.28 -4.57
N GLY A 327 8.04 -20.68 -4.56
CA GLY A 327 8.41 -22.05 -4.91
C GLY A 327 8.33 -22.35 -6.39
N THR A 328 8.50 -21.33 -7.22
CA THR A 328 8.35 -21.51 -8.66
C THR A 328 9.64 -21.25 -9.44
N HIS A 329 10.76 -21.12 -8.74
CA HIS A 329 12.03 -20.95 -9.43
C HIS A 329 12.47 -22.26 -10.07
N ALA A 330 12.88 -22.22 -11.33
CA ALA A 330 13.12 -23.44 -12.10
C ALA A 330 14.38 -24.17 -11.69
N LYS A 331 15.33 -23.47 -11.09
CA LYS A 331 16.63 -24.07 -10.83
C LYS A 331 17.04 -24.05 -9.37
N ILE A 332 16.38 -23.20 -8.58
CA ILE A 332 16.75 -23.07 -7.18
C ILE A 332 15.50 -23.25 -6.29
N ALA A 333 15.67 -23.95 -5.17
CA ALA A 333 14.60 -24.10 -4.21
C ALA A 333 15.05 -23.73 -2.79
N LEU A 334 14.34 -22.79 -2.18
CA LEU A 334 14.62 -22.41 -0.79
C LEU A 334 14.33 -23.54 0.17
N ARG A 335 14.99 -23.53 1.33
CA ARG A 335 14.77 -24.55 2.36
C ARG A 335 15.16 -24.01 3.75
N ARG A 336 14.66 -24.66 4.79
CA ARG A 336 15.06 -24.31 6.15
C ARG A 336 16.56 -24.31 6.29
N GLY A 337 17.13 -23.25 6.85
CA GLY A 337 18.57 -23.13 6.96
C GLY A 337 19.11 -22.02 6.07
N ASP A 338 18.44 -21.77 4.94
CA ASP A 338 18.75 -20.60 4.12
C ASP A 338 18.52 -19.30 4.85
N THR A 339 19.31 -18.29 4.51
CA THR A 339 19.09 -16.93 4.98
C THR A 339 18.73 -16.03 3.80
N VAL A 340 17.64 -15.29 3.92
CA VAL A 340 17.28 -14.30 2.90
C VAL A 340 17.37 -12.91 3.49
N ILE A 341 18.15 -12.05 2.83
CA ILE A 341 18.32 -10.68 3.31
C ILE A 341 17.67 -9.71 2.32
N LEU A 342 16.76 -8.90 2.82
CA LEU A 342 16.17 -7.81 2.03
C LEU A 342 16.95 -6.53 2.31
N SER A 343 17.93 -6.24 1.46
CA SER A 343 18.77 -5.05 1.62
C SER A 343 18.09 -3.88 0.91
N SER A 344 16.96 -3.46 1.47
N SER A 344 16.96 -3.47 1.47
CA SER A 344 16.05 -2.49 0.85
CA SER A 344 16.06 -2.49 0.86
C SER A 344 14.90 -2.23 1.82
C SER A 344 14.91 -2.22 1.83
N ASN A 345 14.14 -1.17 1.53
CA ASN A 345 12.92 -0.85 2.23
C ASN A 345 11.85 -0.79 1.18
N PRO A 346 10.63 -1.21 1.51
CA PRO A 346 9.56 -1.06 0.52
C PRO A 346 9.27 0.40 0.16
N ILE A 347 9.24 0.68 -1.12
CA ILE A 347 8.84 1.99 -1.61
C ILE A 347 7.33 2.11 -1.39
N PRO A 348 6.85 3.29 -0.96
CA PRO A 348 5.42 3.50 -0.73
C PRO A 348 4.57 2.95 -1.87
N GLY A 349 3.60 2.12 -1.52
CA GLY A 349 2.80 1.43 -2.51
C GLY A 349 3.18 -0.04 -2.70
N ASN A 350 4.41 -0.39 -2.31
CA ASN A 350 4.89 -1.76 -2.49
C ASN A 350 4.87 -2.56 -1.21
N GLU A 351 4.35 -1.96 -0.14
CA GLU A 351 4.35 -2.61 1.18
C GLU A 351 3.68 -3.99 1.18
N ASP A 352 2.50 -4.08 0.58
CA ASP A 352 1.77 -5.34 0.52
C ASP A 352 2.51 -6.44 -0.23
N ALA A 353 3.14 -6.06 -1.34
CA ALA A 353 3.85 -7.00 -2.18
C ALA A 353 5.08 -7.55 -1.45
N VAL A 354 5.84 -6.67 -0.80
CA VAL A 354 6.98 -7.12 -0.01
C VAL A 354 6.53 -7.98 1.17
N ASN A 355 5.44 -7.57 1.84
CA ASN A 355 4.95 -8.34 3.00
C ASN A 355 4.55 -9.74 2.60
N LEU A 356 4.04 -9.85 1.38
CA LEU A 356 3.54 -11.14 0.90
C LEU A 356 4.74 -12.07 0.80
N ILE A 357 5.83 -11.55 0.28
CA ILE A 357 7.03 -12.34 0.10
C ILE A 357 7.64 -12.69 1.45
N VAL A 358 7.65 -11.72 2.36
CA VAL A 358 8.22 -11.97 3.68
C VAL A 358 7.49 -13.11 4.38
N ASN A 359 6.16 -13.08 4.37
CA ASN A 359 5.42 -14.17 5.02
C ASN A 359 5.64 -15.53 4.36
N ARG A 360 5.79 -15.55 3.03
CA ARG A 360 6.07 -16.82 2.37
C ARG A 360 7.45 -17.34 2.76
N LEU A 361 8.43 -16.44 2.85
CA LEU A 361 9.76 -16.83 3.30
C LEU A 361 9.69 -17.43 4.71
N TYR A 362 8.96 -16.79 5.62
CA TYR A 362 8.82 -17.32 6.97
C TYR A 362 8.19 -18.71 6.97
N GLU A 363 7.22 -18.92 6.08
CA GLU A 363 6.55 -20.21 6.05
C GLU A 363 7.44 -21.31 5.49
N ILE A 364 8.36 -20.94 4.60
CA ILE A 364 9.32 -21.93 4.10
C ILE A 364 10.25 -22.32 5.24
N GLY A 365 10.57 -21.35 6.08
CA GLY A 365 11.42 -21.57 7.24
C GLY A 365 12.83 -21.02 7.08
N VAL A 366 13.02 -20.14 6.11
CA VAL A 366 14.31 -19.49 5.98
C VAL A 366 14.43 -18.41 7.06
N ASP A 367 15.66 -18.09 7.43
CA ASP A 367 15.89 -16.94 8.29
C ASP A 367 15.72 -15.69 7.44
N VAL A 368 14.87 -14.75 7.88
CA VAL A 368 14.54 -13.59 7.07
C VAL A 368 15.07 -12.35 7.77
N VAL A 369 15.85 -11.57 7.02
CA VAL A 369 16.60 -10.44 7.57
C VAL A 369 16.24 -9.17 6.80
N TYR A 370 15.73 -8.17 7.51
CA TYR A 370 15.31 -6.90 6.86
C TYR A 370 15.26 -5.76 7.86
N PRO A 371 15.22 -4.50 7.36
CA PRO A 371 15.08 -3.37 8.28
C PRO A 371 13.65 -3.31 8.80
N PRO A 372 13.45 -2.71 9.97
CA PRO A 372 14.45 -2.04 10.81
C PRO A 372 15.14 -2.97 11.79
N THR A 373 14.69 -4.22 11.89
CA THR A 373 15.30 -5.19 12.79
C THR A 373 16.80 -5.26 12.60
N TYR A 374 17.20 -5.33 11.34
CA TYR A 374 18.61 -5.32 10.96
C TYR A 374 18.86 -4.11 10.06
N ARG A 375 19.92 -3.35 10.35
CA ARG A 375 20.17 -2.14 9.55
C ARG A 375 20.95 -2.52 8.32
N VAL A 376 20.23 -3.00 7.32
CA VAL A 376 20.86 -3.54 6.13
C VAL A 376 20.50 -2.72 4.88
N HIS A 377 19.99 -1.51 5.08
CA HIS A 377 19.76 -0.60 3.97
C HIS A 377 19.97 0.85 4.37
N ALA A 378 20.58 1.63 3.47
CA ALA A 378 20.66 3.07 3.59
C ALA A 378 20.02 3.71 2.38
N SER A 379 19.17 4.69 2.60
CA SER A 379 18.56 5.47 1.53
C SER A 379 19.61 6.14 0.62
N GLY A 380 19.26 6.31 -0.64
CA GLY A 380 20.08 7.10 -1.53
C GLY A 380 19.90 8.60 -1.34
N HIS A 381 18.97 9.02 -0.47
CA HIS A 381 18.67 10.46 -0.39
C HIS A 381 18.95 11.06 0.99
N ALA A 382 19.37 12.32 0.95
CA ALA A 382 19.65 13.16 2.13
C ALA A 382 18.50 13.33 3.08
N SER A 383 18.77 13.14 4.37
CA SER A 383 17.83 13.49 5.42
C SER A 383 18.06 14.95 5.80
N GLN A 384 17.33 15.43 6.81
CA GLN A 384 17.33 16.86 7.14
C GLN A 384 18.70 17.47 7.42
N GLU A 385 19.57 16.77 8.15
CA GLU A 385 20.88 17.34 8.45
C GLU A 385 21.66 17.61 7.15
N GLU A 386 21.54 16.68 6.21
CA GLU A 386 22.26 16.83 4.95
C GLU A 386 21.64 17.92 4.10
N LEU A 387 20.32 17.97 4.06
CA LEU A 387 19.64 19.05 3.34
C LEU A 387 20.02 20.41 3.93
N ALA A 388 20.09 20.50 5.25
CA ALA A 388 20.50 21.74 5.92
C ALA A 388 21.94 22.14 5.55
N THR A 389 22.81 21.15 5.45
CA THR A 389 24.19 21.40 5.09
C THR A 389 24.28 22.10 3.73
N ILE A 390 23.51 21.60 2.77
CA ILE A 390 23.48 22.21 1.45
C ILE A 390 22.91 23.63 1.47
N LEU A 391 21.79 23.80 2.17
CA LEU A 391 21.19 25.14 2.33
C LEU A 391 22.15 26.10 3.01
N ASN A 392 22.90 25.63 4.02
CA ASN A 392 23.84 26.50 4.73
C ASN A 392 25.07 26.84 3.90
N LEU A 393 25.53 25.89 3.09
CA LEU A 393 26.72 26.10 2.26
C LEU A 393 26.43 27.01 1.07
N THR A 394 25.25 26.87 0.48
CA THR A 394 24.92 27.61 -0.74
C THR A 394 24.33 29.00 -0.45
N ARG A 395 23.70 29.17 0.71
CA ARG A 395 23.15 30.47 1.07
C ARG A 395 22.35 31.12 -0.06
N PRO A 396 21.37 30.38 -0.61
CA PRO A 396 20.74 30.83 -1.87
C PRO A 396 19.77 31.98 -1.64
N LYS A 397 19.63 32.84 -2.64
CA LYS A 397 18.64 33.89 -2.54
C LYS A 397 17.25 33.30 -2.69
N PHE A 398 17.09 32.37 -3.63
CA PHE A 398 15.78 31.78 -3.90
C PHE A 398 15.85 30.26 -3.84
N PHE A 399 14.74 29.61 -3.53
CA PHE A 399 14.80 28.17 -3.28
C PHE A 399 13.58 27.45 -3.87
N LEU A 400 13.87 26.39 -4.64
CA LEU A 400 12.85 25.51 -5.22
C LEU A 400 13.04 24.08 -4.72
N PRO A 401 12.35 23.72 -3.64
CA PRO A 401 12.41 22.32 -3.20
C PRO A 401 11.77 21.42 -4.25
N TRP A 402 12.44 20.31 -4.57
CA TRP A 402 12.19 19.54 -5.78
C TRP A 402 12.24 18.04 -5.47
N HIS A 403 11.86 17.18 -6.41
CA HIS A 403 11.94 15.73 -6.23
C HIS A 403 11.21 15.29 -4.94
N GLY A 404 9.94 15.69 -4.85
CA GLY A 404 9.13 15.34 -3.70
C GLY A 404 7.68 15.65 -3.97
N GLU A 405 6.80 14.96 -3.26
CA GLU A 405 5.38 15.30 -3.26
C GLU A 405 5.23 16.58 -2.44
N PRO A 406 4.06 17.23 -2.49
CA PRO A 406 3.96 18.49 -1.74
C PRO A 406 4.35 18.34 -0.25
N ARG A 407 4.05 17.21 0.39
CA ARG A 407 4.44 17.07 1.79
C ARG A 407 5.97 17.19 1.96
N HIS A 408 6.72 16.59 1.03
CA HIS A 408 8.17 16.64 1.08
C HIS A 408 8.70 18.03 0.77
N GLN A 409 8.17 18.62 -0.28
CA GLN A 409 8.59 19.97 -0.68
C GLN A 409 8.35 21.00 0.42
N ILE A 410 7.18 20.92 1.04
CA ILE A 410 6.78 21.93 2.02
C ILE A 410 7.61 21.76 3.28
N ASN A 411 7.90 20.51 3.64
CA ASN A 411 8.77 20.27 4.78
C ASN A 411 10.21 20.69 4.53
N HIS A 412 10.67 20.60 3.29
CA HIS A 412 12.00 21.08 2.93
C HIS A 412 12.04 22.60 3.08
N ALA A 413 10.97 23.26 2.66
CA ALA A 413 10.85 24.71 2.77
C ALA A 413 10.89 25.14 4.24
N LYS A 414 10.17 24.40 5.08
CA LYS A 414 10.14 24.71 6.52
C LYS A 414 11.50 24.52 7.18
N LEU A 415 12.20 23.46 6.78
CA LEU A 415 13.57 23.24 7.25
C LEU A 415 14.45 24.46 6.94
N ALA A 416 14.31 24.99 5.73
CA ALA A 416 15.12 26.12 5.32
C ALA A 416 14.87 27.34 6.23
N GLN A 417 13.63 27.50 6.68
CA GLN A 417 13.27 28.63 7.52
C GLN A 417 13.90 28.61 8.92
N THR A 418 14.39 27.44 9.33
CA THR A 418 14.94 27.26 10.69
C THR A 418 16.43 27.58 10.75
N LEU A 419 17.05 27.74 9.58
CA LEU A 419 18.51 27.92 9.44
C LEU A 419 18.96 29.37 9.60
N PRO A 420 20.28 29.60 9.79
CA PRO A 420 20.72 30.97 10.07
C PRO A 420 20.43 31.99 8.96
N ARG A 421 20.42 31.57 7.70
CA ARG A 421 20.19 32.50 6.59
C ARG A 421 19.20 31.92 5.59
N PRO A 422 17.91 31.95 5.95
CA PRO A 422 16.87 31.41 5.08
C PRO A 422 16.85 32.12 3.74
N PRO A 423 16.38 31.46 2.69
CA PRO A 423 16.25 32.12 1.39
C PRO A 423 15.32 33.30 1.48
N LYS A 424 15.53 34.30 0.64
CA LYS A 424 14.63 35.44 0.56
C LYS A 424 13.20 34.98 0.29
N ARG A 425 13.05 34.04 -0.65
CA ARG A 425 11.75 33.48 -0.96
C ARG A 425 11.89 32.03 -1.41
N THR A 426 10.93 31.21 -0.99
CA THR A 426 10.89 29.81 -1.39
C THR A 426 9.56 29.56 -2.07
N LEU A 427 9.57 28.90 -3.23
CA LEU A 427 8.32 28.55 -3.90
C LEU A 427 8.13 27.04 -3.95
N ILE A 428 6.87 26.62 -3.90
CA ILE A 428 6.53 25.21 -4.04
C ILE A 428 6.02 25.02 -5.47
N ALA A 429 6.88 24.57 -6.37
CA ALA A 429 6.49 24.48 -7.77
C ALA A 429 5.66 23.23 -8.06
N LYS A 430 4.81 23.37 -9.07
CA LYS A 430 4.03 22.29 -9.66
C LYS A 430 4.53 22.06 -11.07
N ASN A 431 4.38 20.85 -11.59
CA ASN A 431 4.69 20.62 -13.00
C ASN A 431 3.87 21.57 -13.87
N GLY A 432 4.51 22.11 -14.91
CA GLY A 432 3.88 23.08 -15.80
C GLY A 432 4.03 24.52 -15.36
N ASP A 433 4.49 24.75 -14.13
CA ASP A 433 4.69 26.12 -13.67
C ASP A 433 5.80 26.80 -14.45
N ILE A 434 5.59 28.06 -14.82
CA ILE A 434 6.67 28.88 -15.31
C ILE A 434 7.22 29.66 -14.13
N VAL A 435 8.42 29.30 -13.67
CA VAL A 435 9.00 30.02 -12.55
C VAL A 435 9.96 31.06 -13.10
N ASN A 436 9.63 32.34 -12.90
CA ASN A 436 10.47 33.40 -13.41
C ASN A 436 11.56 33.78 -12.44
N LEU A 437 12.78 33.84 -12.95
CA LEU A 437 13.93 34.09 -12.09
C LEU A 437 14.78 35.22 -12.65
N GLY A 438 15.00 36.23 -11.81
CA GLY A 438 15.89 37.32 -12.11
C GLY A 438 16.70 37.65 -10.88
N PRO A 439 17.62 38.62 -10.98
CA PRO A 439 18.46 38.99 -9.83
C PRO A 439 17.66 39.30 -8.57
N ASP A 440 16.46 39.86 -8.73
CA ASP A 440 15.56 40.09 -7.60
C ASP A 440 14.13 39.73 -7.95
N GLU A 441 13.96 38.70 -8.77
CA GLU A 441 12.63 38.24 -9.16
C GLU A 441 12.56 36.74 -8.97
N PHE A 442 11.44 36.28 -8.41
CA PHE A 442 11.23 34.85 -8.19
C PHE A 442 9.74 34.64 -8.00
N ARG A 443 9.06 34.27 -9.08
CA ARG A 443 7.61 34.11 -9.03
C ARG A 443 7.11 33.17 -10.11
N VAL A 444 5.95 32.58 -9.88
CA VAL A 444 5.27 31.82 -10.91
C VAL A 444 4.47 32.76 -11.80
N SER A 445 4.82 32.85 -13.07
CA SER A 445 4.24 33.84 -13.97
C SER A 445 3.20 33.30 -14.95
N GLY A 446 2.96 31.99 -14.89
CA GLY A 446 2.01 31.37 -15.80
C GLY A 446 2.23 29.87 -15.79
N THR A 447 1.48 29.15 -16.63
CA THR A 447 1.62 27.69 -16.70
C THR A 447 1.72 27.28 -18.16
N VAL A 448 2.30 26.09 -18.37
CA VAL A 448 2.36 25.48 -19.71
C VAL A 448 1.75 24.09 -19.60
N ALA A 449 1.44 23.47 -20.74
CA ALA A 449 0.90 22.13 -20.73
C ALA A 449 1.89 21.16 -20.08
N ALA A 450 1.39 20.37 -19.15
CA ALA A 450 2.21 19.40 -18.45
C ALA A 450 1.32 18.26 -18.00
N GLY A 451 1.92 17.11 -17.71
CA GLY A 451 1.14 16.00 -17.21
C GLY A 451 1.68 14.63 -17.57
N ALA A 452 0.80 13.63 -17.50
CA ALA A 452 1.22 12.25 -17.63
C ALA A 452 0.78 11.64 -18.96
N VAL A 453 1.63 10.79 -19.53
CA VAL A 453 1.26 9.97 -20.67
C VAL A 453 1.49 8.51 -20.28
N TYR A 454 0.44 7.69 -20.37
CA TYR A 454 0.57 6.29 -19.96
C TYR A 454 1.12 5.40 -21.06
N VAL A 455 1.98 4.48 -20.65
CA VAL A 455 2.47 3.42 -21.53
C VAL A 455 1.91 2.08 -21.06
N ASP A 456 1.26 1.38 -21.97
CA ASP A 456 0.62 0.10 -21.66
C ASP A 456 0.88 -0.83 -22.82
N GLY A 457 1.81 -1.76 -22.65
CA GLY A 457 2.24 -2.59 -23.75
C GLY A 457 3.02 -1.77 -24.76
N LEU A 458 2.59 -1.82 -26.01
CA LEU A 458 3.21 -1.04 -27.07
C LEU A 458 2.55 0.33 -27.21
N GLY A 459 1.38 0.46 -26.59
CA GLY A 459 0.61 1.68 -26.68
C GLY A 459 1.16 2.80 -25.82
N VAL A 460 1.34 3.96 -26.45
CA VAL A 460 1.75 5.15 -25.75
C VAL A 460 0.66 6.19 -25.89
N GLY A 461 0.02 6.54 -24.78
CA GLY A 461 -1.06 7.51 -24.79
C GLY A 461 -2.40 6.99 -25.28
N ASP A 462 -2.47 5.71 -25.64
CA ASP A 462 -3.76 5.13 -26.04
C ASP A 462 -4.60 4.70 -24.83
N VAL A 463 -3.97 4.59 -23.68
CA VAL A 463 -4.72 4.41 -22.45
C VAL A 463 -4.73 5.75 -21.74
N ASN A 464 -5.92 6.24 -21.42
CA ASN A 464 -6.01 7.49 -20.69
C ASN A 464 -6.85 7.34 -19.43
N ASP A 465 -7.13 8.45 -18.76
CA ASP A 465 -7.83 8.39 -17.48
C ASP A 465 -9.26 7.88 -17.62
N ASP A 466 -9.89 8.16 -18.74
CA ASP A 466 -11.24 7.65 -19.01
C ASP A 466 -11.22 6.13 -19.09
N VAL A 467 -10.21 5.60 -19.79
CA VAL A 467 -10.03 4.15 -19.88
C VAL A 467 -9.78 3.53 -18.51
N LEU A 468 -8.95 4.19 -17.70
CA LEU A 468 -8.61 3.69 -16.37
C LEU A 468 -9.85 3.63 -15.46
N LEU A 469 -10.67 4.67 -15.53
CA LEU A 469 -11.87 4.76 -14.71
C LEU A 469 -12.79 3.59 -14.98
N ASP A 470 -12.90 3.22 -16.25
CA ASP A 470 -13.65 2.05 -16.64
C ASP A 470 -13.03 0.80 -16.01
N ARG A 471 -11.69 0.70 -16.05
CA ARG A 471 -10.99 -0.41 -15.41
C ARG A 471 -11.31 -0.50 -13.91
N VAL A 472 -11.37 0.63 -13.22
CA VAL A 472 -11.67 0.63 -11.79
C VAL A 472 -13.05 0.05 -11.55
N ASN A 473 -14.03 0.60 -12.27
CA ASN A 473 -15.41 0.16 -12.14
C ASN A 473 -15.54 -1.34 -12.39
N LEU A 474 -14.89 -1.82 -13.43
CA LEU A 474 -14.89 -3.26 -13.71
C LEU A 474 -14.25 -4.05 -12.57
N SER A 475 -13.13 -3.56 -12.06
CA SER A 475 -12.41 -4.24 -10.99
C SER A 475 -13.25 -4.41 -9.74
N GLN A 476 -14.09 -3.41 -9.48
CA GLN A 476 -14.87 -3.37 -8.27
C GLN A 476 -16.17 -4.15 -8.38
N GLU A 477 -16.95 -3.83 -9.40
CA GLU A 477 -18.33 -4.27 -9.46
C GLU A 477 -18.58 -5.39 -10.46
N GLY A 478 -17.56 -5.71 -11.26
CA GLY A 478 -17.74 -6.69 -12.33
C GLY A 478 -18.70 -6.12 -13.36
N LEU A 479 -19.17 -6.94 -14.29
CA LEU A 479 -20.09 -6.41 -15.28
C LEU A 479 -21.28 -7.30 -15.62
N LEU A 480 -22.34 -6.65 -16.08
CA LEU A 480 -23.51 -7.32 -16.62
C LEU A 480 -23.85 -6.71 -17.96
N ILE A 481 -23.74 -7.50 -19.02
CA ILE A 481 -24.16 -7.05 -20.34
C ILE A 481 -25.55 -7.59 -20.66
N LEU A 482 -26.52 -6.69 -20.70
CA LEU A 482 -27.90 -7.03 -20.99
C LEU A 482 -28.24 -6.65 -22.42
N THR A 483 -28.56 -7.65 -23.24
CA THR A 483 -28.98 -7.35 -24.60
C THR A 483 -30.44 -7.76 -24.78
N ALA A 484 -31.25 -6.82 -25.26
CA ALA A 484 -32.65 -7.10 -25.53
C ALA A 484 -32.84 -7.51 -26.98
N VAL A 485 -33.49 -8.65 -27.19
CA VAL A 485 -33.80 -9.12 -28.54
C VAL A 485 -35.30 -9.03 -28.78
N LEU A 486 -35.68 -8.22 -29.77
CA LEU A 486 -37.08 -7.88 -30.01
C LEU A 486 -37.87 -9.00 -30.69
N HIS A 487 -37.19 -9.84 -31.46
CA HIS A 487 -37.87 -10.82 -32.29
C HIS A 487 -37.44 -12.27 -32.03
N PRO A 488 -38.35 -13.23 -32.25
CA PRO A 488 -39.77 -13.03 -32.61
C PRO A 488 -40.57 -12.32 -31.52
N THR A 489 -40.41 -12.78 -30.29
CA THR A 489 -41.05 -12.18 -29.12
C THR A 489 -39.95 -11.61 -28.23
N PRO A 490 -40.11 -10.37 -27.74
CA PRO A 490 -39.01 -9.74 -27.00
C PRO A 490 -38.53 -10.59 -25.82
N HIS A 491 -37.21 -10.68 -25.66
CA HIS A 491 -36.62 -11.40 -24.55
C HIS A 491 -35.27 -10.79 -24.25
N VAL A 492 -34.77 -11.02 -23.04
CA VAL A 492 -33.53 -10.36 -22.61
C VAL A 492 -32.42 -11.37 -22.37
N GLU A 493 -31.20 -11.01 -22.74
CA GLU A 493 -30.06 -11.89 -22.58
C GLU A 493 -29.04 -11.32 -21.60
N VAL A 494 -28.61 -12.15 -20.65
CA VAL A 494 -27.72 -11.71 -19.58
C VAL A 494 -26.35 -12.40 -19.63
N VAL A 495 -25.29 -11.60 -19.68
CA VAL A 495 -23.95 -12.14 -19.49
C VAL A 495 -23.21 -11.38 -18.38
N ALA A 496 -22.63 -12.14 -17.46
CA ALA A 496 -21.91 -11.58 -16.32
C ALA A 496 -20.45 -12.02 -16.32
N ARG A 497 -19.54 -11.10 -16.03
CA ARG A 497 -18.15 -11.46 -15.79
C ARG A 497 -17.64 -10.77 -14.53
N GLY A 498 -17.00 -11.55 -13.66
CA GLY A 498 -16.55 -11.06 -12.36
C GLY A 498 -17.66 -10.44 -11.51
N PHE A 499 -18.90 -10.85 -11.72
CA PHE A 499 -20.01 -10.31 -10.95
C PHE A 499 -20.33 -11.18 -9.74
N ALA A 500 -20.68 -12.43 -10.02
CA ALA A 500 -21.04 -13.41 -9.00
C ALA A 500 -20.86 -14.80 -9.58
N ARG A 501 -20.81 -15.82 -8.73
CA ARG A 501 -20.71 -17.17 -9.24
C ARG A 501 -22.08 -17.51 -9.80
N PRO A 502 -22.17 -18.51 -10.69
CA PRO A 502 -23.45 -18.79 -11.35
C PRO A 502 -24.63 -18.99 -10.40
N ASN A 503 -25.72 -18.28 -10.67
CA ASN A 503 -26.99 -18.44 -9.95
C ASN A 503 -28.18 -18.18 -10.88
N ARG A 504 -28.87 -19.26 -11.24
CA ARG A 504 -29.94 -19.22 -12.23
C ARG A 504 -31.14 -18.38 -11.79
N ASP A 505 -31.56 -18.52 -10.54
CA ASP A 505 -32.69 -17.74 -10.02
C ASP A 505 -32.51 -16.24 -10.25
N LEU A 506 -31.39 -15.69 -9.79
CA LEU A 506 -31.10 -14.25 -9.96
C LEU A 506 -31.03 -13.87 -11.43
N GLU A 507 -30.41 -14.74 -12.22
CA GLU A 507 -30.31 -14.56 -13.66
C GLU A 507 -31.68 -14.31 -14.30
N LEU A 508 -32.66 -15.12 -13.90
CA LEU A 508 -33.98 -15.04 -14.49
C LEU A 508 -34.73 -13.80 -13.98
N GLN A 509 -34.44 -13.42 -12.75
CA GLN A 509 -35.06 -12.23 -12.17
C GLN A 509 -34.59 -10.96 -12.87
N ILE A 510 -33.30 -10.90 -13.18
CA ILE A 510 -32.73 -9.79 -13.91
C ILE A 510 -33.39 -9.64 -15.29
N ARG A 511 -33.61 -10.77 -15.95
CA ARG A 511 -34.29 -10.77 -17.25
C ARG A 511 -35.65 -10.09 -17.22
N ARG A 512 -36.48 -10.47 -16.24
CA ARG A 512 -37.86 -9.99 -16.18
C ARG A 512 -37.94 -8.49 -15.94
N VAL A 513 -37.03 -7.98 -15.11
CA VAL A 513 -37.02 -6.57 -14.78
C VAL A 513 -36.62 -5.78 -16.03
N ALA A 514 -35.62 -6.28 -16.72
CA ALA A 514 -35.21 -5.70 -17.99
C ALA A 514 -36.32 -5.80 -19.02
N LEU A 515 -36.92 -6.98 -19.13
CA LEU A 515 -37.94 -7.25 -20.15
C LEU A 515 -39.16 -6.35 -20.00
N GLU A 516 -39.65 -6.22 -18.77
CA GLU A 516 -40.80 -5.37 -18.51
C GLU A 516 -40.55 -3.96 -19.04
N ALA A 517 -39.33 -3.46 -18.81
CA ALA A 517 -38.93 -2.16 -19.32
C ALA A 517 -38.89 -2.14 -20.85
N VAL A 518 -38.43 -3.23 -21.45
CA VAL A 518 -38.43 -3.36 -22.89
C VAL A 518 -39.85 -3.37 -23.42
N GLU A 519 -40.68 -4.25 -22.85
CA GLU A 519 -42.08 -4.38 -23.24
C GLU A 519 -42.90 -3.12 -22.93
N GLN A 520 -42.72 -2.57 -21.73
CA GLN A 520 -43.45 -1.37 -21.34
C GLN A 520 -42.99 -0.21 -22.20
N GLY A 521 -41.69 -0.17 -22.49
CA GLY A 521 -41.11 0.86 -23.33
C GLY A 521 -41.59 0.80 -24.77
N LEU A 522 -41.93 -0.39 -25.24
CA LEU A 522 -42.46 -0.53 -26.60
C LEU A 522 -43.94 -0.17 -26.63
N ARG A 523 -44.62 -0.47 -25.52
CA ARG A 523 -46.06 -0.21 -25.38
C ARG A 523 -46.37 1.29 -25.47
N GLU A 524 -45.50 2.11 -24.90
CA GLU A 524 -45.53 3.57 -25.10
C GLU A 524 -44.29 3.95 -25.92
N LYS A 525 -44.50 4.40 -27.16
CA LYS A 525 -43.41 4.52 -28.13
C LYS A 525 -42.18 5.31 -27.67
N LYS A 526 -41.00 4.82 -28.04
CA LYS A 526 -39.73 5.48 -27.77
C LYS A 526 -38.65 5.01 -28.75
N ARG A 527 -37.66 5.87 -28.99
CA ARG A 527 -36.52 5.48 -29.81
C ARG A 527 -35.74 4.38 -29.11
N LEU A 528 -35.09 3.50 -29.89
CA LEU A 528 -34.39 2.35 -29.33
C LEU A 528 -33.37 2.78 -28.27
N GLU A 529 -32.73 3.92 -28.49
CA GLU A 529 -31.79 4.48 -27.54
C GLU A 529 -32.48 4.82 -26.22
N ASP A 530 -33.72 5.27 -26.29
CA ASP A 530 -34.49 5.58 -25.08
C ASP A 530 -34.84 4.31 -24.30
N VAL A 531 -35.08 3.21 -25.03
CA VAL A 531 -35.50 1.96 -24.40
C VAL A 531 -34.36 1.26 -23.65
N ARG A 532 -33.15 1.27 -24.23
CA ARG A 532 -32.00 0.66 -23.58
C ARG A 532 -31.76 1.33 -22.24
N ASP A 533 -31.98 2.63 -22.21
CA ASP A 533 -31.78 3.43 -21.01
C ASP A 533 -32.77 3.03 -19.94
N ASP A 534 -34.00 2.76 -20.35
CA ASP A 534 -35.05 2.35 -19.44
C ASP A 534 -34.75 0.99 -18.80
N MET A 535 -34.18 0.08 -19.57
CA MET A 535 -33.89 -1.25 -19.03
C MET A 535 -32.60 -1.25 -18.21
N TYR A 536 -31.66 -0.37 -18.55
CA TYR A 536 -30.48 -0.16 -17.72
C TYR A 536 -30.92 0.39 -16.37
N GLY A 537 -31.86 1.32 -16.39
CA GLY A 537 -32.33 1.96 -15.18
C GLY A 537 -33.07 1.02 -14.24
N ALA A 538 -33.93 0.18 -14.81
CA ALA A 538 -34.71 -0.77 -14.02
C ALA A 538 -33.83 -1.82 -13.36
N VAL A 539 -32.88 -2.37 -14.11
CA VAL A 539 -31.98 -3.39 -13.60
C VAL A 539 -31.06 -2.85 -12.51
N ARG A 540 -30.56 -1.64 -12.71
CA ARG A 540 -29.73 -0.97 -11.70
C ARG A 540 -30.49 -0.83 -10.38
N ARG A 541 -31.76 -0.45 -10.49
CA ARG A 541 -32.62 -0.32 -9.33
C ARG A 541 -32.90 -1.67 -8.68
N PHE A 542 -33.07 -2.70 -9.52
CA PHE A 542 -33.37 -4.04 -9.01
C PHE A 542 -32.18 -4.71 -8.34
N THR A 543 -31.03 -4.66 -9.00
CA THR A 543 -29.86 -5.35 -8.51
C THR A 543 -29.39 -4.69 -7.22
N ARG A 544 -29.48 -3.37 -7.15
CA ARG A 544 -29.13 -2.64 -5.93
C ARG A 544 -29.99 -3.10 -4.75
N LYS A 545 -31.29 -3.26 -4.99
CA LYS A 545 -32.18 -3.76 -3.95
C LYS A 545 -31.87 -5.24 -3.66
N ALA A 546 -31.62 -6.00 -4.72
CA ALA A 546 -31.42 -7.44 -4.60
C ALA A 546 -30.07 -7.82 -3.97
N THR A 547 -29.01 -7.16 -4.43
CA THR A 547 -27.67 -7.56 -4.02
C THR A 547 -26.94 -6.48 -3.24
N GLY A 548 -27.37 -5.23 -3.41
CA GLY A 548 -26.68 -4.11 -2.80
C GLY A 548 -25.51 -3.65 -3.63
N ARG A 549 -25.35 -4.22 -4.82
CA ARG A 549 -24.21 -3.91 -5.67
C ARG A 549 -24.61 -3.08 -6.88
N ASN A 550 -23.65 -2.38 -7.44
CA ASN A 550 -23.86 -1.61 -8.66
C ASN A 550 -22.92 -2.07 -9.77
N PRO A 551 -23.14 -3.29 -10.29
CA PRO A 551 -22.27 -3.79 -11.35
C PRO A 551 -22.27 -2.88 -12.57
N VAL A 552 -21.15 -2.81 -13.28
CA VAL A 552 -21.12 -2.06 -14.54
C VAL A 552 -22.13 -2.72 -15.48
N LEU A 553 -23.01 -1.89 -16.06
CA LEU A 553 -24.09 -2.38 -16.91
C LEU A 553 -23.98 -1.92 -18.35
N ILE A 554 -23.91 -2.88 -19.26
CA ILE A 554 -23.84 -2.59 -20.67
C ILE A 554 -25.10 -3.10 -21.35
N PRO A 555 -26.04 -2.22 -21.64
CA PRO A 555 -27.28 -2.66 -22.28
C PRO A 555 -27.26 -2.50 -23.80
N MET A 556 -27.80 -3.49 -24.52
CA MET A 556 -27.91 -3.46 -25.98
C MET A 556 -29.32 -3.82 -26.45
N ILE A 557 -29.90 -3.01 -27.34
CA ILE A 557 -31.26 -3.27 -27.82
C ILE A 557 -31.30 -3.91 -29.21
N VAL A 558 -30.14 -4.12 -29.82
CA VAL A 558 -30.09 -4.63 -31.18
C VAL A 558 -29.60 -6.08 -31.21
N ASP A 559 -30.41 -6.99 -31.75
CA ASP A 559 -31.80 -6.75 -32.12
C ASP A 559 -32.07 -5.54 -33.02
N ALA B 16 -6.52 -41.39 27.35
CA ALA B 16 -6.62 -40.10 28.02
C ALA B 16 -7.09 -39.01 27.07
N PRO B 17 -8.31 -38.50 27.29
CA PRO B 17 -8.84 -37.41 26.46
C PRO B 17 -7.97 -36.17 26.52
N THR B 18 -7.80 -35.52 25.38
CA THR B 18 -7.04 -34.28 25.32
C THR B 18 -7.94 -33.13 24.95
N LEU B 19 -7.50 -31.93 25.28
CA LEU B 19 -8.19 -30.73 24.81
C LEU B 19 -7.79 -30.47 23.36
N GLU B 20 -8.76 -30.10 22.53
CA GLU B 20 -8.45 -29.67 21.17
C GLU B 20 -8.59 -28.15 21.05
N VAL B 21 -7.51 -27.47 20.65
CA VAL B 21 -7.57 -26.05 20.33
C VAL B 21 -7.62 -25.94 18.82
N ILE B 22 -8.73 -25.45 18.30
CA ILE B 22 -8.97 -25.38 16.87
C ILE B 22 -9.25 -23.93 16.45
N PRO B 23 -8.22 -23.20 16.01
CA PRO B 23 -8.39 -21.84 15.46
C PRO B 23 -9.14 -21.92 14.13
N LEU B 24 -10.19 -21.12 13.97
CA LEU B 24 -10.91 -21.09 12.69
C LEU B 24 -10.67 -19.78 11.94
N GLY B 25 -10.11 -18.82 12.66
CA GLY B 25 -9.61 -17.60 12.04
C GLY B 25 -8.70 -16.89 13.00
N GLY B 26 -7.86 -16.00 12.47
CA GLY B 26 -7.03 -15.17 13.32
C GLY B 26 -5.63 -15.73 13.54
N MET B 27 -5.38 -16.95 13.07
CA MET B 27 -4.02 -17.47 13.05
C MET B 27 -3.39 -17.27 11.67
N GLY B 28 -2.15 -16.80 11.64
CA GLY B 28 -1.48 -16.53 10.38
C GLY B 28 -2.09 -15.39 9.61
N GLU B 29 -2.87 -14.56 10.31
CA GLU B 29 -3.46 -13.36 9.73
C GLU B 29 -3.79 -12.40 10.86
N ILE B 30 -4.05 -11.15 10.51
CA ILE B 30 -4.66 -10.24 11.48
C ILE B 30 -6.09 -9.95 11.02
N GLY B 31 -7.04 -10.54 11.73
CA GLY B 31 -8.44 -10.41 11.36
C GLY B 31 -9.24 -11.69 11.57
N LYS B 32 -10.56 -11.53 11.53
CA LYS B 32 -11.58 -12.60 11.73
C LYS B 32 -11.19 -13.68 12.74
N ASN B 33 -10.90 -13.21 13.95
CA ASN B 33 -10.52 -14.08 15.04
C ASN B 33 -11.71 -14.95 15.49
N ILE B 34 -11.46 -16.26 15.60
CA ILE B 34 -12.44 -17.16 16.17
C ILE B 34 -11.70 -18.45 16.53
N THR B 35 -11.80 -18.85 17.79
CA THR B 35 -11.05 -20.00 18.31
C THR B 35 -12.03 -20.97 18.97
N VAL B 36 -11.90 -22.23 18.62
CA VAL B 36 -12.76 -23.29 19.14
C VAL B 36 -11.95 -24.15 20.10
N PHE B 37 -12.54 -24.44 21.26
CA PHE B 37 -11.98 -25.36 22.25
C PHE B 37 -12.90 -26.56 22.36
N ARG B 38 -12.38 -27.76 22.21
CA ARG B 38 -13.21 -28.96 22.37
C ARG B 38 -12.59 -29.94 23.35
N TYR B 39 -13.40 -30.40 24.29
CA TYR B 39 -13.04 -31.50 25.17
C TYR B 39 -14.23 -32.45 25.22
N GLY B 40 -14.00 -33.70 24.84
CA GLY B 40 -15.08 -34.67 24.76
C GLY B 40 -16.09 -34.23 23.73
N ASP B 41 -17.35 -34.15 24.13
CA ASP B 41 -18.39 -33.66 23.24
C ASP B 41 -18.87 -32.27 23.64
N GLU B 42 -17.99 -31.51 24.28
CA GLU B 42 -18.27 -30.12 24.62
C GLU B 42 -17.38 -29.13 23.87
N ILE B 43 -17.99 -28.07 23.37
CA ILE B 43 -17.26 -27.01 22.66
C ILE B 43 -17.54 -25.64 23.28
N VAL B 44 -16.49 -24.82 23.38
CA VAL B 44 -16.60 -23.42 23.71
C VAL B 44 -15.96 -22.65 22.56
N VAL B 45 -16.62 -21.59 22.10
CA VAL B 45 -16.08 -20.76 21.03
C VAL B 45 -15.74 -19.40 21.58
N VAL B 46 -14.63 -18.84 21.10
CA VAL B 46 -14.19 -17.52 21.50
C VAL B 46 -14.14 -16.59 20.28
N ASP B 47 -14.92 -15.51 20.34
CA ASP B 47 -14.98 -14.45 19.32
C ASP B 47 -15.54 -14.94 17.98
N GLY B 48 -15.69 -14.00 17.06
CA GLY B 48 -16.34 -14.26 15.79
C GLY B 48 -16.16 -13.01 14.96
N GLY B 49 -14.91 -12.75 14.59
CA GLY B 49 -14.56 -11.50 13.94
C GLY B 49 -14.78 -11.50 12.44
N LEU B 50 -14.66 -10.32 11.84
CA LEU B 50 -14.50 -10.23 10.39
C LEU B 50 -13.06 -9.83 10.05
N ALA B 51 -12.70 -9.89 8.78
CA ALA B 51 -11.45 -9.31 8.31
C ALA B 51 -11.73 -8.35 7.18
N PHE B 52 -10.80 -7.44 6.97
CA PHE B 52 -10.96 -6.44 5.93
C PHE B 52 -10.25 -6.91 4.67
N PRO B 53 -10.81 -6.58 3.51
CA PRO B 53 -10.29 -7.07 2.24
C PRO B 53 -8.90 -6.50 1.92
N LYS B 54 -8.07 -7.32 1.29
CA LYS B 54 -6.79 -6.85 0.77
C LYS B 54 -6.99 -6.26 -0.63
N ALA B 55 -5.93 -5.68 -1.18
CA ALA B 55 -6.03 -5.01 -2.47
C ALA B 55 -6.47 -5.98 -3.58
N HIS B 56 -6.00 -7.22 -3.52
CA HIS B 56 -6.29 -8.22 -4.55
C HIS B 56 -7.71 -8.80 -4.44
N GLN B 57 -8.40 -8.48 -3.36
CA GLN B 57 -9.76 -8.92 -3.14
C GLN B 57 -10.71 -7.77 -3.52
N MET B 58 -10.67 -7.40 -4.78
N MET B 58 -10.66 -7.39 -4.79
CA MET B 58 -11.32 -6.18 -5.26
CA MET B 58 -11.31 -6.17 -5.27
C MET B 58 -12.85 -6.24 -5.19
C MET B 58 -12.84 -6.24 -5.20
N GLY B 59 -13.43 -5.17 -4.68
CA GLY B 59 -14.87 -4.98 -4.72
C GLY B 59 -15.64 -5.56 -3.56
N ILE B 60 -15.02 -6.43 -2.77
CA ILE B 60 -15.73 -7.03 -1.66
C ILE B 60 -15.67 -6.09 -0.45
N ASP B 61 -16.60 -6.28 0.48
CA ASP B 61 -16.75 -5.40 1.64
C ASP B 61 -16.04 -5.94 2.88
N LEU B 62 -16.22 -7.23 3.14
CA LEU B 62 -15.58 -7.83 4.30
C LEU B 62 -15.46 -9.34 4.12
N ILE B 63 -14.73 -9.96 5.04
CA ILE B 63 -14.49 -11.39 5.01
C ILE B 63 -14.90 -12.01 6.35
N VAL B 64 -15.61 -13.12 6.30
CA VAL B 64 -15.99 -13.79 7.53
C VAL B 64 -15.46 -15.22 7.49
N PRO B 65 -15.37 -15.87 8.66
CA PRO B 65 -14.77 -17.21 8.68
C PRO B 65 -15.72 -18.29 8.22
N ARG B 66 -15.18 -19.31 7.58
CA ARG B 66 -15.93 -20.53 7.29
C ARG B 66 -16.24 -21.26 8.60
N ILE B 67 -17.49 -21.67 8.76
CA ILE B 67 -17.89 -22.30 10.01
C ILE B 67 -18.37 -23.72 9.81
N ASP B 68 -17.88 -24.36 8.74
CA ASP B 68 -18.21 -25.76 8.47
C ASP B 68 -18.08 -26.65 9.71
N TYR B 69 -16.99 -26.43 10.47
CA TYR B 69 -16.73 -27.26 11.63
C TYR B 69 -17.81 -27.09 12.70
N LEU B 70 -18.20 -25.85 12.96
CA LEU B 70 -19.23 -25.57 13.95
C LEU B 70 -20.59 -26.07 13.50
N LEU B 71 -20.85 -26.03 12.18
CA LEU B 71 -22.10 -26.55 11.66
C LEU B 71 -22.19 -28.05 11.90
N GLU B 72 -21.08 -28.75 11.68
CA GLU B 72 -21.05 -30.20 11.86
C GLU B 72 -21.26 -30.56 13.33
N HIS B 73 -20.69 -29.76 14.22
CA HIS B 73 -20.71 -30.07 15.64
C HIS B 73 -21.58 -29.14 16.46
N GLN B 74 -22.61 -28.57 15.84
CA GLN B 74 -23.33 -27.45 16.45
C GLN B 74 -24.01 -27.85 17.75
N ASP B 75 -24.41 -29.11 17.84
CA ASP B 75 -25.06 -29.63 19.04
C ASP B 75 -24.11 -29.72 20.24
N LYS B 76 -22.81 -29.60 19.97
CA LYS B 76 -21.83 -29.71 21.04
C LYS B 76 -21.45 -28.35 21.61
N ILE B 77 -21.91 -27.26 21.00
CA ILE B 77 -21.52 -25.93 21.46
C ILE B 77 -22.24 -25.59 22.75
N LYS B 78 -21.46 -25.31 23.79
CA LYS B 78 -22.01 -25.00 25.11
C LYS B 78 -22.11 -23.50 25.34
N GLY B 79 -21.27 -22.73 24.66
CA GLY B 79 -21.32 -21.30 24.87
C GLY B 79 -20.27 -20.52 24.11
N TRP B 80 -20.34 -19.20 24.26
CA TRP B 80 -19.46 -18.30 23.53
C TRP B 80 -18.84 -17.26 24.45
N ILE B 81 -17.58 -16.94 24.21
CA ILE B 81 -16.89 -15.86 24.91
C ILE B 81 -16.54 -14.76 23.91
N LEU B 82 -16.81 -13.52 24.29
CA LEU B 82 -16.45 -12.38 23.47
C LEU B 82 -15.48 -11.47 24.24
N THR B 83 -14.23 -11.39 23.77
CA THR B 83 -13.16 -10.73 24.52
C THR B 83 -13.22 -9.20 24.45
N HIS B 84 -13.62 -8.66 23.31
CA HIS B 84 -13.87 -7.23 23.18
C HIS B 84 -14.59 -6.93 21.87
N GLY B 85 -14.94 -5.68 21.67
CA GLY B 85 -15.87 -5.33 20.62
C GLY B 85 -15.23 -4.74 19.37
N HIS B 86 -13.94 -4.99 19.18
CA HIS B 86 -13.33 -4.63 17.89
C HIS B 86 -13.93 -5.47 16.77
N GLU B 87 -14.00 -4.92 15.56
CA GLU B 87 -14.66 -5.61 14.46
C GLU B 87 -13.98 -6.93 14.09
N ASP B 88 -12.66 -7.05 14.30
CA ASP B 88 -11.98 -8.32 13.98
C ASP B 88 -12.21 -9.37 15.08
N HIS B 89 -13.12 -9.06 16.02
CA HIS B 89 -13.50 -10.00 17.05
C HIS B 89 -15.02 -10.18 17.15
N ILE B 90 -15.81 -9.20 16.73
CA ILE B 90 -17.26 -9.38 16.74
C ILE B 90 -17.99 -9.18 15.41
N GLY B 91 -17.26 -8.76 14.37
CA GLY B 91 -17.90 -8.39 13.12
C GLY B 91 -18.53 -9.53 12.34
N GLY B 92 -18.09 -10.76 12.59
CA GLY B 92 -18.65 -11.91 11.90
C GLY B 92 -19.86 -12.53 12.56
N LEU B 93 -20.16 -12.09 13.77
CA LEU B 93 -21.24 -12.69 14.55
C LEU B 93 -22.63 -12.69 13.89
N PRO B 94 -23.02 -11.62 13.16
CA PRO B 94 -24.36 -11.68 12.55
C PRO B 94 -24.51 -12.84 11.59
N TYR B 95 -23.42 -13.12 10.88
CA TYR B 95 -23.39 -14.17 9.87
C TYR B 95 -23.28 -15.53 10.54
N ILE B 96 -22.48 -15.59 11.59
CA ILE B 96 -22.23 -16.84 12.29
C ILE B 96 -23.45 -17.27 13.12
N PHE B 97 -23.99 -16.36 13.92
CA PHE B 97 -25.08 -16.72 14.84
C PHE B 97 -26.35 -17.14 14.11
N ALA B 98 -26.53 -16.64 12.89
CA ALA B 98 -27.73 -16.96 12.13
C ALA B 98 -27.80 -18.43 11.70
N ARG B 99 -26.66 -19.11 11.69
CA ARG B 99 -26.63 -20.50 11.21
C ARG B 99 -26.47 -21.51 12.36
N LEU B 100 -26.46 -21.03 13.59
CA LEU B 100 -26.11 -21.86 14.72
C LEU B 100 -27.16 -21.77 15.82
N PRO B 101 -27.20 -22.77 16.73
CA PRO B 101 -28.13 -22.72 17.87
C PRO B 101 -27.88 -21.50 18.74
N ARG B 102 -28.93 -21.02 19.42
CA ARG B 102 -28.78 -19.87 20.31
C ARG B 102 -28.19 -20.27 21.65
N VAL B 103 -26.87 -20.28 21.71
CA VAL B 103 -26.16 -20.65 22.93
C VAL B 103 -25.86 -19.41 23.77
N PRO B 104 -25.47 -19.60 25.04
CA PRO B 104 -25.09 -18.46 25.86
C PRO B 104 -23.85 -17.73 25.31
N VAL B 105 -23.94 -16.41 25.24
CA VAL B 105 -22.85 -15.58 24.75
C VAL B 105 -22.40 -14.58 25.79
N TYR B 106 -21.22 -14.80 26.37
CA TYR B 106 -20.71 -13.96 27.46
C TYR B 106 -19.74 -12.85 27.04
N GLY B 107 -19.92 -11.68 27.64
CA GLY B 107 -19.07 -10.56 27.35
C GLY B 107 -19.27 -9.39 28.29
N LEU B 108 -18.32 -8.45 28.26
CA LEU B 108 -18.42 -7.24 29.06
C LEU B 108 -19.38 -6.21 28.43
N PRO B 109 -19.84 -5.20 29.20
CA PRO B 109 -20.95 -4.35 28.77
C PRO B 109 -20.81 -3.67 27.41
N LEU B 110 -19.70 -2.98 27.17
CA LEU B 110 -19.50 -2.27 25.90
C LEU B 110 -19.45 -3.29 24.75
N THR B 111 -18.83 -4.43 24.99
CA THR B 111 -18.79 -5.49 23.98
C THR B 111 -20.20 -5.92 23.59
N LEU B 112 -21.02 -6.23 24.60
CA LEU B 112 -22.39 -6.64 24.35
C LEU B 112 -23.27 -5.55 23.74
N ALA B 113 -23.05 -4.29 24.13
CA ALA B 113 -23.80 -3.19 23.52
C ALA B 113 -23.55 -3.12 22.02
N LEU B 114 -22.28 -3.19 21.63
CA LEU B 114 -21.90 -3.11 20.21
C LEU B 114 -22.47 -4.32 19.47
N VAL B 115 -22.43 -5.49 20.11
CA VAL B 115 -22.97 -6.70 19.47
C VAL B 115 -24.48 -6.60 19.30
N ARG B 116 -25.15 -6.16 20.36
CA ARG B 116 -26.61 -6.05 20.35
C ARG B 116 -27.09 -5.18 19.20
N GLU B 117 -26.43 -4.04 19.02
CA GLU B 117 -26.82 -3.12 17.97
C GLU B 117 -26.61 -3.76 16.62
N LYS B 118 -25.49 -4.46 16.48
CA LYS B 118 -25.13 -5.14 15.25
C LYS B 118 -26.14 -6.24 14.92
N LEU B 119 -26.56 -7.00 15.93
CA LEU B 119 -27.52 -8.07 15.72
C LEU B 119 -28.90 -7.52 15.33
N SER B 120 -29.25 -6.36 15.85
CA SER B 120 -30.54 -5.77 15.54
C SER B 120 -30.60 -5.26 14.10
N GLU B 121 -29.50 -4.70 13.60
CA GLU B 121 -29.44 -4.27 12.21
C GLU B 121 -29.78 -5.44 11.30
N PHE B 122 -29.27 -6.61 11.65
CA PHE B 122 -29.45 -7.82 10.86
C PHE B 122 -30.74 -8.55 11.20
N GLY B 123 -31.52 -7.97 12.11
CA GLY B 123 -32.77 -8.57 12.52
C GLY B 123 -32.60 -9.95 13.12
N LEU B 124 -31.52 -10.13 13.88
CA LEU B 124 -31.30 -11.39 14.58
C LEU B 124 -31.98 -11.34 15.94
N GLN B 125 -32.87 -12.31 16.16
CA GLN B 125 -33.74 -12.32 17.31
C GLN B 125 -33.30 -13.31 18.38
N ASP B 126 -33.51 -12.93 19.63
CA ASP B 126 -33.35 -13.86 20.74
C ASP B 126 -31.94 -14.44 20.84
N VAL B 127 -30.94 -13.57 20.74
CA VAL B 127 -29.57 -13.98 21.02
C VAL B 127 -29.35 -13.88 22.51
N ASP B 128 -28.75 -14.93 23.08
CA ASP B 128 -28.64 -15.10 24.52
C ASP B 128 -27.38 -14.42 25.04
N LEU B 129 -27.39 -13.09 24.99
CA LEU B 129 -26.27 -12.31 25.46
C LEU B 129 -26.28 -12.22 26.99
N ARG B 130 -25.13 -12.52 27.59
CA ARG B 130 -25.02 -12.58 29.04
C ARG B 130 -23.82 -11.74 29.51
N GLU B 131 -24.12 -10.72 30.30
CA GLU B 131 -23.10 -9.78 30.77
C GLU B 131 -22.20 -10.38 31.85
N VAL B 132 -20.89 -10.20 31.70
CA VAL B 132 -19.97 -10.59 32.77
C VAL B 132 -19.13 -9.38 33.18
N THR B 133 -18.30 -9.55 34.20
CA THR B 133 -17.29 -8.54 34.51
C THR B 133 -16.01 -9.24 34.96
N TYR B 134 -14.95 -8.48 35.12
CA TYR B 134 -13.65 -9.06 35.46
C TYR B 134 -13.79 -9.83 36.76
N GLY B 135 -13.16 -11.01 36.80
CA GLY B 135 -13.14 -11.84 37.98
C GLY B 135 -14.19 -12.93 37.92
N ASP B 136 -15.24 -12.71 37.13
CA ASP B 136 -16.31 -13.71 37.00
C ASP B 136 -15.81 -15.03 36.42
N GLU B 137 -16.32 -16.13 36.97
CA GLU B 137 -16.11 -17.48 36.45
C GLU B 137 -17.38 -17.96 35.77
N VAL B 138 -17.24 -18.47 34.56
CA VAL B 138 -18.38 -18.94 33.81
C VAL B 138 -18.17 -20.41 33.47
N ARG B 139 -19.18 -21.21 33.77
CA ARG B 139 -19.10 -22.64 33.50
C ARG B 139 -19.68 -22.97 32.13
N PHE B 140 -18.92 -23.69 31.31
CA PHE B 140 -19.49 -24.28 30.10
C PHE B 140 -19.50 -25.81 30.19
N GLY B 141 -20.69 -26.39 30.35
CA GLY B 141 -20.84 -27.83 30.47
C GLY B 141 -20.04 -28.40 31.62
N GLN B 142 -19.65 -29.67 31.52
CA GLN B 142 -18.91 -30.33 32.59
C GLN B 142 -17.42 -30.00 32.62
N SER B 143 -16.83 -29.72 31.47
CA SER B 143 -15.38 -29.71 31.34
C SER B 143 -14.71 -28.33 31.35
N PHE B 144 -15.47 -27.26 31.16
CA PHE B 144 -14.87 -25.93 31.03
C PHE B 144 -15.32 -24.92 32.08
N VAL B 145 -14.35 -24.18 32.62
CA VAL B 145 -14.63 -22.97 33.38
C VAL B 145 -13.77 -21.83 32.85
N ALA B 146 -14.39 -20.68 32.61
CA ALA B 146 -13.61 -19.53 32.12
C ALA B 146 -13.66 -18.38 33.11
N GLU B 147 -12.48 -17.84 33.42
CA GLU B 147 -12.36 -16.72 34.34
C GLU B 147 -11.83 -15.50 33.59
N PHE B 148 -12.60 -14.42 33.61
CA PHE B 148 -12.26 -13.19 32.90
C PHE B 148 -11.33 -12.29 33.71
N PHE B 149 -10.38 -11.63 33.07
CA PHE B 149 -9.57 -10.64 33.78
C PHE B 149 -9.27 -9.47 32.85
N CYS B 150 -8.97 -8.33 33.45
CA CYS B 150 -8.77 -7.11 32.68
C CYS B 150 -7.42 -7.04 31.96
N MET B 151 -7.46 -6.73 30.68
CA MET B 151 -6.25 -6.32 29.94
C MET B 151 -6.50 -5.03 29.17
N THR B 152 -5.62 -4.04 29.37
CA THR B 152 -5.72 -2.79 28.62
C THR B 152 -5.52 -3.02 27.13
N HIS B 153 -6.22 -2.23 26.32
CA HIS B 153 -6.24 -2.35 24.87
C HIS B 153 -6.70 -0.98 24.37
N SER B 154 -7.06 -0.88 23.09
CA SER B 154 -7.44 0.39 22.49
C SER B 154 -8.95 0.60 22.48
N ILE B 155 -9.66 -0.33 23.11
CA ILE B 155 -11.10 -0.20 23.34
C ILE B 155 -11.36 -0.65 24.80
N PRO B 156 -12.32 -0.01 25.47
CA PRO B 156 -12.64 -0.47 26.83
C PRO B 156 -13.30 -1.84 26.88
N ASP B 157 -13.42 -2.36 28.10
CA ASP B 157 -14.11 -3.61 28.35
C ASP B 157 -13.48 -4.74 27.57
N ASN B 158 -12.16 -4.70 27.56
CA ASN B 158 -11.33 -5.73 26.93
C ASN B 158 -10.85 -6.74 27.95
N ALA B 159 -10.99 -8.03 27.64
CA ALA B 159 -10.65 -9.08 28.58
C ALA B 159 -9.69 -10.12 28.02
N GLY B 160 -8.80 -10.60 28.87
CA GLY B 160 -8.18 -11.89 28.65
C GLY B 160 -8.98 -12.91 29.47
N TYR B 161 -8.69 -14.19 29.34
CA TYR B 161 -9.38 -15.18 30.18
C TYR B 161 -8.50 -16.38 30.47
N ILE B 162 -8.84 -17.09 31.53
CA ILE B 162 -8.21 -18.36 31.87
C ILE B 162 -9.30 -19.42 31.71
N LEU B 163 -9.07 -20.33 30.77
CA LEU B 163 -9.95 -21.46 30.52
C LEU B 163 -9.38 -22.65 31.25
N LYS B 164 -10.14 -23.13 32.24
CA LYS B 164 -9.75 -24.24 33.10
C LYS B 164 -10.36 -25.52 32.54
N THR B 165 -9.51 -26.49 32.22
CA THR B 165 -9.96 -27.70 31.54
C THR B 165 -9.44 -28.93 32.29
N PRO B 166 -9.92 -30.13 31.91
CA PRO B 166 -9.46 -31.32 32.65
C PRO B 166 -7.95 -31.58 32.54
N VAL B 167 -7.32 -31.06 31.51
CA VAL B 167 -5.90 -31.32 31.28
C VAL B 167 -5.03 -30.19 31.87
N GLY B 168 -5.66 -29.10 32.27
CA GLY B 168 -4.97 -27.96 32.85
C GLY B 168 -5.52 -26.63 32.37
N ASP B 169 -4.78 -25.55 32.62
CA ASP B 169 -5.23 -24.19 32.32
C ASP B 169 -4.63 -23.59 31.05
N VAL B 170 -5.49 -23.01 30.23
CA VAL B 170 -5.09 -22.15 29.12
C VAL B 170 -5.27 -20.70 29.53
N LEU B 171 -4.22 -19.88 29.41
CA LEU B 171 -4.40 -18.45 29.59
C LEU B 171 -4.36 -17.79 28.21
N HIS B 172 -5.42 -17.07 27.88
CA HIS B 172 -5.48 -16.31 26.64
C HIS B 172 -5.41 -14.84 26.99
N THR B 173 -4.38 -14.16 26.49
CA THR B 173 -4.15 -12.76 26.83
C THR B 173 -5.22 -11.84 26.27
N GLY B 174 -5.95 -12.32 25.27
CA GLY B 174 -6.77 -11.44 24.45
C GLY B 174 -5.86 -10.57 23.60
N ASP B 175 -6.45 -9.65 22.87
CA ASP B 175 -5.66 -8.54 22.27
C ASP B 175 -5.34 -7.60 23.40
N PHE B 176 -4.07 -7.21 23.54
CA PHE B 176 -3.68 -6.40 24.68
C PHE B 176 -2.41 -5.56 24.48
N LYS B 177 -2.29 -4.56 25.34
CA LYS B 177 -1.04 -3.85 25.61
C LYS B 177 -0.94 -3.78 27.13
N ILE B 178 0.21 -3.39 27.69
CA ILE B 178 0.24 -3.16 29.13
C ILE B 178 0.39 -1.67 29.39
N ASP B 179 -0.73 -0.97 29.47
CA ASP B 179 -0.68 0.47 29.66
C ASP B 179 -0.85 0.78 31.13
N PRO B 180 0.18 1.39 31.74
CA PRO B 180 0.15 1.71 33.17
C PRO B 180 -0.91 2.75 33.50
N ASP B 181 -1.30 3.54 32.50
CA ASP B 181 -2.26 4.62 32.72
C ASP B 181 -2.91 5.07 31.40
N VAL B 182 -4.16 4.67 31.20
CA VAL B 182 -4.88 5.00 29.96
C VAL B 182 -5.38 6.43 29.98
N GLY B 183 -5.20 7.10 31.11
CA GLY B 183 -5.34 8.56 31.18
C GLY B 183 -6.71 9.07 31.57
N THR B 184 -7.71 8.19 31.57
CA THR B 184 -9.08 8.65 31.78
C THR B 184 -9.43 8.79 33.25
N GLY B 185 -8.52 8.38 34.13
CA GLY B 185 -8.74 8.52 35.56
C GLY B 185 -9.75 7.53 36.10
N ALA B 186 -10.00 6.46 35.36
CA ALA B 186 -10.95 5.45 35.80
C ALA B 186 -10.26 4.30 36.51
N GLY B 187 -8.94 4.41 36.66
CA GLY B 187 -8.17 3.42 37.37
C GLY B 187 -7.99 2.10 36.63
N ILE B 188 -8.31 2.11 35.34
CA ILE B 188 -8.19 0.91 34.51
C ILE B 188 -6.72 0.47 34.36
N VAL B 189 -6.43 -0.76 34.75
CA VAL B 189 -5.11 -1.33 34.53
C VAL B 189 -5.22 -2.82 34.23
N SER B 190 -4.24 -3.37 33.53
CA SER B 190 -4.20 -4.81 33.29
C SER B 190 -4.00 -5.55 34.61
N ASP B 191 -4.65 -6.70 34.73
CA ASP B 191 -4.59 -7.50 35.95
C ASP B 191 -3.34 -8.37 35.97
N LEU B 192 -2.17 -7.74 36.06
CA LEU B 192 -0.92 -8.48 36.06
C LEU B 192 -0.79 -9.35 37.30
N GLU B 193 -1.47 -8.95 38.37
CA GLU B 193 -1.49 -9.75 39.59
C GLU B 193 -2.16 -11.10 39.34
N ARG B 194 -3.31 -11.08 38.66
CA ARG B 194 -3.99 -12.33 38.31
C ARG B 194 -3.15 -13.17 37.38
N VAL B 195 -2.55 -12.52 36.39
CA VAL B 195 -1.72 -13.25 35.44
C VAL B 195 -0.51 -13.90 36.13
N GLU B 196 0.08 -13.19 37.09
CA GLU B 196 1.21 -13.74 37.82
C GLU B 196 0.77 -14.96 38.63
N GLN B 197 -0.41 -14.85 39.25
CA GLN B 197 -0.90 -15.95 40.07
C GLN B 197 -1.22 -17.15 39.19
N ALA B 198 -1.64 -16.90 37.96
CA ALA B 198 -1.91 -18.00 37.04
C ALA B 198 -0.62 -18.74 36.76
N GLY B 199 0.47 -17.99 36.62
CA GLY B 199 1.77 -18.59 36.38
C GLY B 199 2.21 -19.48 37.54
N LYS B 200 1.93 -19.02 38.75
CA LYS B 200 2.24 -19.81 39.95
C LYS B 200 1.35 -21.04 40.06
N ASP B 201 0.07 -20.88 39.77
CA ASP B 201 -0.86 -21.99 39.84
C ASP B 201 -0.50 -23.03 38.78
N GLY B 202 0.05 -22.57 37.67
CA GLY B 202 0.44 -23.42 36.56
C GLY B 202 -0.31 -23.09 35.27
N VAL B 203 0.40 -22.58 34.27
CA VAL B 203 -0.24 -22.40 32.97
C VAL B 203 0.23 -23.50 32.04
N LEU B 204 -0.72 -24.28 31.53
CA LEU B 204 -0.37 -25.32 30.58
C LEU B 204 -0.12 -24.75 29.19
N LEU B 205 -1.04 -23.90 28.74
CA LEU B 205 -0.89 -23.28 27.43
C LEU B 205 -1.14 -21.77 27.50
N LEU B 206 -0.20 -21.01 26.95
CA LEU B 206 -0.38 -19.56 26.74
C LEU B 206 -0.75 -19.28 25.28
N ILE B 207 -1.79 -18.47 25.09
CA ILE B 207 -2.18 -17.94 23.78
C ILE B 207 -2.02 -16.43 23.87
N SER B 208 -1.16 -15.86 23.05
CA SER B 208 -0.81 -14.43 23.20
C SER B 208 -0.77 -13.64 21.90
N ASP B 209 -1.08 -12.36 22.04
CA ASP B 209 -1.22 -11.39 20.94
C ASP B 209 0.12 -11.06 20.28
N SER B 210 0.31 -11.46 19.02
CA SER B 210 1.59 -11.30 18.33
C SER B 210 1.71 -10.06 17.44
N THR B 211 0.66 -9.25 17.43
CA THR B 211 0.58 -8.11 16.50
C THR B 211 1.88 -7.29 16.36
N ASN B 212 2.43 -6.88 17.50
CA ASN B 212 3.66 -6.06 17.50
C ASN B 212 4.88 -6.82 18.00
N ALA B 213 4.91 -8.13 17.76
CA ALA B 213 6.03 -8.94 18.22
C ALA B 213 7.35 -8.55 17.54
N GLU B 214 7.28 -7.83 16.41
CA GLU B 214 8.53 -7.39 15.77
C GLU B 214 8.99 -6.02 16.26
N ARG B 215 8.23 -5.40 17.16
CA ARG B 215 8.57 -4.06 17.66
C ARG B 215 9.32 -4.09 18.98
N PRO B 216 10.56 -3.57 19.01
CA PRO B 216 11.28 -3.56 20.29
C PRO B 216 10.67 -2.57 21.27
N GLY B 217 10.97 -2.79 22.55
CA GLY B 217 10.64 -1.83 23.59
C GLY B 217 9.21 -2.02 24.06
N HIS B 218 8.63 -0.91 24.48
CA HIS B 218 7.34 -0.87 25.15
C HIS B 218 6.43 0.10 24.38
N THR B 219 5.21 -0.32 24.10
CA THR B 219 4.24 0.56 23.46
C THR B 219 3.97 1.75 24.37
N PRO B 220 3.92 2.97 23.81
CA PRO B 220 3.68 4.17 24.62
C PRO B 220 2.33 4.13 25.32
N SER B 221 2.22 4.87 26.42
CA SER B 221 0.99 4.99 27.19
C SER B 221 0.06 6.02 26.57
N GLU B 222 -1.24 5.73 26.60
CA GLU B 222 -2.25 6.73 26.25
C GLU B 222 -2.15 8.03 27.08
N ALA B 223 -1.64 7.94 28.31
CA ALA B 223 -1.48 9.17 29.09
C ALA B 223 -0.40 10.04 28.47
N GLU B 224 0.64 9.42 27.94
CA GLU B 224 1.68 10.19 27.29
C GLU B 224 1.15 10.83 26.01
N ILE B 225 0.38 10.08 25.23
CA ILE B 225 -0.19 10.60 23.98
C ILE B 225 -1.08 11.80 24.26
N ALA B 226 -1.88 11.70 25.33
CA ALA B 226 -2.78 12.79 25.72
C ALA B 226 -2.00 14.04 26.09
N ARG B 227 -0.90 13.87 26.83
CA ARG B 227 -0.04 15.00 27.17
C ARG B 227 0.53 15.64 25.92
N ASN B 228 0.98 14.80 24.97
CA ASN B 228 1.51 15.28 23.71
C ASN B 228 0.44 16.03 22.93
N LEU B 229 -0.77 15.48 22.88
CA LEU B 229 -1.85 16.15 22.16
C LEU B 229 -2.24 17.47 22.80
N GLU B 230 -2.27 17.50 24.13
CA GLU B 230 -2.61 18.76 24.79
C GLU B 230 -1.57 19.83 24.47
N GLU B 231 -0.29 19.45 24.48
CA GLU B 231 0.77 20.43 24.23
C GLU B 231 0.64 21.00 22.82
N ILE B 232 0.43 20.12 21.85
CA ILE B 232 0.24 20.53 20.46
C ILE B 232 -0.98 21.43 20.31
N ILE B 233 -2.09 21.02 20.89
CA ILE B 233 -3.35 21.74 20.69
C ILE B 233 -3.29 23.08 21.40
N LYS B 234 -2.60 23.12 22.54
CA LYS B 234 -2.46 24.37 23.28
C LYS B 234 -1.81 25.45 22.40
N GLY B 235 -0.89 25.03 21.53
CA GLY B 235 -0.16 25.93 20.64
C GLY B 235 -0.82 26.28 19.32
N CYS B 236 -1.92 25.62 19.00
CA CYS B 236 -2.65 25.87 17.74
C CYS B 236 -3.42 27.19 17.76
N ARG B 237 -3.13 28.03 16.75
CA ARG B 237 -3.66 29.38 16.64
C ARG B 237 -5.12 29.43 16.20
N GLY B 238 -5.55 28.43 15.42
CA GLY B 238 -6.93 28.46 14.91
C GLY B 238 -7.69 27.18 15.21
N ARG B 239 -8.56 26.79 14.29
CA ARG B 239 -9.34 25.54 14.43
C ARG B 239 -8.45 24.30 14.47
N VAL B 240 -8.89 23.30 15.24
CA VAL B 240 -8.23 21.99 15.23
C VAL B 240 -9.20 20.89 14.77
N PHE B 241 -8.72 20.08 13.83
CA PHE B 241 -9.41 18.88 13.35
C PHE B 241 -8.54 17.69 13.71
N LEU B 242 -9.13 16.67 14.32
CA LEU B 242 -8.35 15.52 14.71
C LEU B 242 -9.08 14.26 14.28
N THR B 243 -8.37 13.32 13.67
CA THR B 243 -9.00 12.04 13.35
C THR B 243 -8.33 10.90 14.12
N THR B 244 -9.12 9.91 14.50
CA THR B 244 -8.59 8.71 15.15
C THR B 244 -9.65 7.60 14.93
N PHE B 245 -9.39 6.36 15.37
CA PHE B 245 -10.43 5.33 15.24
C PHE B 245 -11.62 5.71 16.12
N ALA B 246 -12.85 5.61 15.60
CA ALA B 246 -14.02 6.03 16.37
C ALA B 246 -14.18 5.20 17.66
N SER B 247 -13.63 4.00 17.66
CA SER B 247 -13.71 3.14 18.82
C SER B 247 -12.60 3.40 19.84
N GLN B 248 -11.68 4.32 19.56
CA GLN B 248 -10.62 4.57 20.53
C GLN B 248 -11.15 5.46 21.64
N VAL B 249 -11.94 4.86 22.53
CA VAL B 249 -12.66 5.62 23.54
C VAL B 249 -11.72 6.35 24.48
N TYR B 250 -10.65 5.68 24.94
CA TYR B 250 -9.70 6.34 25.82
C TYR B 250 -9.10 7.62 25.20
N ARG B 251 -8.60 7.47 23.96
CA ARG B 251 -7.99 8.57 23.21
C ARG B 251 -8.97 9.73 23.11
N ILE B 252 -10.21 9.39 22.76
CA ILE B 252 -11.21 10.42 22.53
C ILE B 252 -11.61 11.08 23.86
N GLN B 253 -11.78 10.30 24.92
CA GLN B 253 -12.12 10.89 26.22
C GLN B 253 -11.02 11.88 26.62
N ASN B 254 -9.77 11.44 26.51
CA ASN B 254 -8.67 12.28 26.91
C ASN B 254 -8.64 13.58 26.10
N ILE B 255 -9.02 13.48 24.83
CA ILE B 255 -9.14 14.66 23.98
C ILE B 255 -10.29 15.55 24.45
N LEU B 256 -11.41 14.95 24.87
CA LEU B 256 -12.50 15.78 25.37
C LEU B 256 -12.04 16.58 26.59
N ASP B 257 -11.26 15.95 27.47
CA ASP B 257 -10.84 16.64 28.68
C ASP B 257 -9.79 17.72 28.39
N LEU B 258 -8.83 17.44 27.51
CA LEU B 258 -7.83 18.45 27.19
C LEU B 258 -8.49 19.61 26.45
N ALA B 259 -9.51 19.32 25.65
CA ALA B 259 -10.20 20.38 24.89
C ALA B 259 -10.85 21.35 25.84
N HIS B 260 -11.54 20.80 26.84
CA HIS B 260 -12.19 21.58 27.88
C HIS B 260 -11.18 22.47 28.60
N ARG B 261 -10.03 21.89 28.98
CA ARG B 261 -8.98 22.66 29.63
C ARG B 261 -8.42 23.75 28.73
N GLN B 262 -8.42 23.49 27.42
CA GLN B 262 -7.87 24.46 26.47
C GLN B 262 -8.92 25.41 25.88
N GLY B 263 -10.12 25.40 26.46
CA GLY B 263 -11.17 26.34 26.09
C GLY B 263 -11.78 26.08 24.72
N ARG B 264 -11.73 24.82 24.28
CA ARG B 264 -12.36 24.43 23.01
C ARG B 264 -13.60 23.56 23.19
N ARG B 265 -14.62 23.89 22.43
CA ARG B 265 -15.80 23.05 22.34
C ARG B 265 -15.58 21.99 21.26
N VAL B 266 -16.27 20.86 21.40
CA VAL B 266 -16.00 19.71 20.55
C VAL B 266 -17.21 19.35 19.69
N VAL B 267 -16.91 19.10 18.41
CA VAL B 267 -17.87 18.56 17.46
C VAL B 267 -17.43 17.15 17.10
N MET B 268 -18.34 16.20 17.23
CA MET B 268 -18.12 14.82 16.82
C MET B 268 -18.67 14.64 15.41
N GLU B 269 -17.78 14.42 14.45
CA GLU B 269 -18.16 14.41 13.04
C GLU B 269 -17.96 13.02 12.43
N GLY B 270 -19.00 12.52 11.77
CA GLY B 270 -18.93 11.22 11.13
C GLY B 270 -19.86 10.27 11.85
N ARG B 271 -20.67 9.54 11.09
CA ARG B 271 -21.64 8.58 11.64
C ARG B 271 -21.06 7.63 12.66
N SER B 272 -19.89 7.08 12.36
CA SER B 272 -19.32 6.04 13.19
C SER B 272 -18.77 6.62 14.50
N MET B 273 -18.34 7.87 14.44
CA MET B 273 -17.89 8.58 15.63
C MET B 273 -19.05 8.79 16.62
N ILE B 274 -20.19 9.22 16.09
CA ILE B 274 -21.40 9.37 16.90
C ILE B 274 -21.89 8.03 17.45
N LYS B 275 -21.81 6.99 16.63
CA LYS B 275 -22.20 5.65 17.05
C LYS B 275 -21.42 5.15 18.26
N TYR B 276 -20.09 5.21 18.17
CA TYR B 276 -19.28 4.69 19.26
C TYR B 276 -19.39 5.56 20.49
N ALA B 277 -19.51 6.87 20.28
CA ALA B 277 -19.67 7.81 21.39
C ALA B 277 -20.94 7.45 22.18
N GLN B 278 -21.97 7.03 21.47
CA GLN B 278 -23.25 6.67 22.09
C GLN B 278 -23.15 5.42 22.96
N ALA B 279 -22.51 4.39 22.42
CA ALA B 279 -22.32 3.14 23.15
C ALA B 279 -21.39 3.34 24.34
N ALA B 280 -20.33 4.12 24.15
CA ALA B 280 -19.37 4.36 25.21
C ALA B 280 -20.03 5.12 26.36
N GLN B 281 -20.85 6.11 26.03
CA GLN B 281 -21.54 6.88 27.06
C GLN B 281 -22.54 6.03 27.82
N ALA B 282 -23.30 5.25 27.06
CA ALA B 282 -24.33 4.37 27.63
C ALA B 282 -23.73 3.40 28.62
N THR B 283 -22.49 2.98 28.38
CA THR B 283 -21.82 2.03 29.25
C THR B 283 -20.84 2.71 30.19
N GLY B 284 -20.95 4.03 30.31
CA GLY B 284 -20.15 4.79 31.27
C GLY B 284 -18.67 5.07 30.93
N HIS B 285 -18.20 4.66 29.76
CA HIS B 285 -16.79 4.84 29.43
C HIS B 285 -16.45 6.20 28.85
N MET B 286 -17.46 6.92 28.37
CA MET B 286 -17.24 8.27 27.87
C MET B 286 -18.08 9.29 28.64
N ASN B 287 -17.41 10.33 29.12
CA ASN B 287 -18.05 11.36 29.93
C ASN B 287 -17.63 12.74 29.46
N PRO B 288 -18.33 13.29 28.46
CA PRO B 288 -17.96 14.60 27.91
C PRO B 288 -18.09 15.70 28.97
N PRO B 289 -17.01 16.44 29.25
CA PRO B 289 -17.09 17.47 30.30
C PRO B 289 -18.05 18.60 29.93
N GLU B 290 -18.14 18.93 28.65
CA GLU B 290 -19.17 19.82 28.15
C GLU B 290 -19.90 19.12 27.02
N PRO B 291 -21.16 19.51 26.79
CA PRO B 291 -21.91 18.82 25.73
C PRO B 291 -21.30 19.02 24.35
N PHE B 292 -21.40 17.99 23.51
CA PHE B 292 -20.98 18.13 22.12
C PHE B 292 -21.80 19.20 21.41
N LEU B 293 -21.18 19.86 20.44
CA LEU B 293 -21.87 20.84 19.62
C LEU B 293 -21.89 20.40 18.16
N THR B 294 -22.80 20.97 17.38
CA THR B 294 -22.82 20.76 15.94
C THR B 294 -21.86 21.73 15.29
N SER B 295 -21.55 21.49 14.02
CA SER B 295 -20.67 22.36 13.27
C SER B 295 -21.29 23.73 13.08
N GLU B 296 -22.61 23.76 13.00
CA GLU B 296 -23.33 25.03 12.89
C GLU B 296 -23.13 25.82 14.18
N GLU B 297 -23.21 25.13 15.31
CA GLU B 297 -23.12 25.78 16.60
C GLU B 297 -21.70 26.30 16.87
N VAL B 298 -20.68 25.53 16.53
CA VAL B 298 -19.32 26.01 16.76
C VAL B 298 -18.93 27.09 15.77
N GLY B 299 -19.71 27.24 14.71
CA GLY B 299 -19.45 28.29 13.74
C GLY B 299 -19.65 29.66 14.37
N GLU B 300 -20.34 29.68 15.51
CA GLU B 300 -20.58 30.93 16.22
C GLU B 300 -19.36 31.35 17.04
N LEU B 301 -18.39 30.46 17.16
CA LEU B 301 -17.26 30.65 18.07
C LEU B 301 -16.02 31.10 17.29
N GLN B 302 -15.04 31.66 18.00
CA GLN B 302 -13.77 32.00 17.36
C GLN B 302 -13.05 30.71 17.02
N ASP B 303 -12.17 30.77 16.03
CA ASP B 303 -11.48 29.59 15.52
C ASP B 303 -10.74 28.81 16.62
N GLN B 304 -10.08 29.51 17.52
CA GLN B 304 -9.24 28.88 18.54
C GLN B 304 -10.06 28.20 19.64
N GLN B 305 -11.38 28.32 19.52
CA GLN B 305 -12.31 27.71 20.47
C GLN B 305 -12.94 26.43 19.93
N VAL B 306 -12.41 25.92 18.82
CA VAL B 306 -13.11 24.85 18.10
C VAL B 306 -12.26 23.59 17.94
N LEU B 307 -12.84 22.44 18.25
CA LEU B 307 -12.16 21.18 17.93
C LEU B 307 -13.16 20.19 17.35
N PHE B 308 -12.81 19.64 16.19
CA PHE B 308 -13.61 18.61 15.54
C PHE B 308 -12.91 17.28 15.71
N VAL B 309 -13.63 16.29 16.21
CA VAL B 309 -13.10 14.94 16.25
C VAL B 309 -13.80 14.18 15.14
N CYS B 310 -13.02 13.67 14.18
N CYS B 310 -13.08 13.64 14.19
CA CYS B 310 -13.53 13.26 12.85
CA CYS B 310 -13.81 13.09 13.07
C CYS B 310 -13.23 11.80 12.49
C CYS B 310 -13.28 11.78 12.53
N THR B 311 -14.14 11.17 11.73
CA THR B 311 -13.88 9.87 11.14
C THR B 311 -12.91 10.00 9.98
N GLY B 312 -12.25 8.91 9.65
CA GLY B 312 -11.45 8.85 8.44
C GLY B 312 -9.97 8.65 8.67
N SER B 313 -9.60 8.00 9.76
CA SER B 313 -8.18 7.89 10.11
C SER B 313 -7.39 7.01 9.15
N GLN B 314 -8.07 6.19 8.36
CA GLN B 314 -7.38 5.29 7.45
C GLN B 314 -7.46 5.76 6.00
N GLY B 315 -7.81 7.03 5.82
CA GLY B 315 -7.87 7.59 4.49
C GLY B 315 -9.12 7.31 3.68
N GLN B 316 -10.18 6.82 4.32
CA GLN B 316 -11.46 6.63 3.61
C GLN B 316 -11.95 7.94 2.98
N PRO B 317 -12.09 7.96 1.64
CA PRO B 317 -12.43 9.20 0.91
C PRO B 317 -13.81 9.76 1.29
N MET B 318 -14.73 8.90 1.69
CA MET B 318 -16.09 9.32 2.04
C MET B 318 -16.26 9.55 3.53
N ALA B 319 -15.22 9.29 4.30
CA ALA B 319 -15.22 9.68 5.71
C ALA B 319 -15.06 11.19 5.82
N VAL B 320 -15.12 11.72 7.03
CA VAL B 320 -15.17 13.16 7.19
C VAL B 320 -13.83 13.79 6.78
N LEU B 321 -12.74 13.23 7.25
CA LEU B 321 -11.43 13.78 6.92
C LEU B 321 -11.23 13.75 5.42
N GLY B 322 -11.63 12.65 4.79
CA GLY B 322 -11.54 12.55 3.34
C GLY B 322 -12.31 13.66 2.65
N ARG B 323 -13.54 13.90 3.06
CA ARG B 323 -14.31 14.94 2.40
C ARG B 323 -13.71 16.32 2.67
N LEU B 324 -13.19 16.53 3.86
CA LEU B 324 -12.52 17.81 4.17
C LEU B 324 -11.28 18.04 3.28
N ALA B 325 -10.49 16.98 3.12
CA ALA B 325 -9.23 17.03 2.40
C ALA B 325 -9.47 17.28 0.90
N PHE B 326 -10.58 16.76 0.40
CA PHE B 326 -10.90 16.89 -1.01
C PHE B 326 -11.85 18.04 -1.32
N GLY B 327 -12.26 18.79 -0.30
CA GLY B 327 -13.06 19.98 -0.53
C GLY B 327 -14.53 19.69 -0.84
N THR B 328 -15.00 18.51 -0.45
CA THR B 328 -16.39 18.13 -0.73
C THR B 328 -17.28 18.03 0.49
N HIS B 329 -16.79 18.48 1.65
CA HIS B 329 -17.64 18.47 2.85
C HIS B 329 -18.70 19.55 2.71
N ALA B 330 -19.94 19.18 3.00
CA ALA B 330 -21.08 20.05 2.69
C ALA B 330 -21.19 21.26 3.63
N LYS B 331 -20.58 21.18 4.81
CA LYS B 331 -20.81 22.21 5.81
C LYS B 331 -19.54 22.83 6.37
N ILE B 332 -18.39 22.23 6.05
CA ILE B 332 -17.12 22.72 6.55
C ILE B 332 -16.10 22.78 5.42
N ALA B 333 -15.33 23.86 5.35
CA ALA B 333 -14.22 23.97 4.41
C ALA B 333 -12.92 24.32 5.13
N LEU B 334 -11.91 23.48 4.93
CA LEU B 334 -10.59 23.71 5.50
C LEU B 334 -9.93 24.94 4.87
N ARG B 335 -9.02 25.56 5.61
N ARG B 335 -9.04 25.57 5.62
CA ARG B 335 -8.31 26.74 5.13
CA ARG B 335 -8.32 26.75 5.13
C ARG B 335 -6.97 26.87 5.83
C ARG B 335 -6.98 26.88 5.84
N ARG B 336 -6.08 27.69 5.27
CA ARG B 336 -4.78 27.95 5.89
C ARG B 336 -4.97 28.48 7.30
N GLY B 337 -4.20 27.95 8.24
CA GLY B 337 -4.40 28.34 9.63
C GLY B 337 -5.06 27.22 10.41
N ASP B 338 -5.84 26.39 9.73
CA ASP B 338 -6.38 25.18 10.38
C ASP B 338 -5.25 24.22 10.71
N THR B 339 -5.42 23.44 11.77
CA THR B 339 -4.50 22.36 12.07
C THR B 339 -5.25 21.04 11.96
N VAL B 340 -4.66 20.07 11.28
CA VAL B 340 -5.28 18.74 11.20
C VAL B 340 -4.33 17.73 11.80
N ILE B 341 -4.83 16.99 12.79
CA ILE B 341 -4.03 16.00 13.48
C ILE B 341 -4.48 14.58 13.16
N LEU B 342 -3.58 13.78 12.60
CA LEU B 342 -3.87 12.38 12.37
C LEU B 342 -3.39 11.56 13.59
N SER B 343 -4.30 11.32 14.53
CA SER B 343 -3.97 10.60 15.76
C SER B 343 -4.10 9.10 15.46
N SER B 344 -3.23 8.61 14.60
N SER B 344 -3.23 8.61 14.60
CA SER B 344 -3.34 7.26 14.02
CA SER B 344 -3.30 7.25 14.08
C SER B 344 -2.11 6.96 13.18
C SER B 344 -2.09 6.96 13.21
N ASN B 345 -1.89 5.68 12.91
CA ASN B 345 -0.90 5.25 11.92
C ASN B 345 -1.66 4.48 10.86
N PRO B 346 -1.20 4.59 9.60
CA PRO B 346 -1.82 3.83 8.52
C PRO B 346 -1.66 2.33 8.76
N ILE B 347 -2.77 1.61 8.71
CA ILE B 347 -2.74 0.16 8.77
C ILE B 347 -2.18 -0.36 7.44
N PRO B 348 -1.34 -1.41 7.48
CA PRO B 348 -0.80 -2.01 6.26
C PRO B 348 -1.84 -2.19 5.18
N GLY B 349 -1.57 -1.58 4.03
CA GLY B 349 -2.51 -1.60 2.92
C GLY B 349 -3.22 -0.26 2.74
N ASN B 350 -3.13 0.60 3.74
CA ASN B 350 -3.82 1.89 3.66
C ASN B 350 -2.85 3.08 3.48
N GLU B 351 -1.58 2.78 3.26
CA GLU B 351 -0.54 3.81 3.17
C GLU B 351 -0.86 4.84 2.08
N ASP B 352 -1.20 4.34 0.90
CA ASP B 352 -1.47 5.21 -0.24
C ASP B 352 -2.66 6.13 0.01
N ALA B 353 -3.70 5.57 0.62
CA ALA B 353 -4.91 6.35 0.87
C ALA B 353 -4.63 7.49 1.85
N VAL B 354 -3.88 7.20 2.90
CA VAL B 354 -3.56 8.20 3.92
C VAL B 354 -2.64 9.25 3.31
N ASN B 355 -1.67 8.78 2.53
CA ASN B 355 -0.73 9.70 1.89
C ASN B 355 -1.46 10.67 0.96
N LEU B 356 -2.51 10.18 0.31
CA LEU B 356 -3.26 11.02 -0.64
C LEU B 356 -3.92 12.14 0.13
N ILE B 357 -4.45 11.81 1.30
CA ILE B 357 -5.14 12.82 2.11
C ILE B 357 -4.10 13.78 2.68
N VAL B 358 -2.99 13.25 3.15
CA VAL B 358 -1.93 14.13 3.67
C VAL B 358 -1.46 15.15 2.63
N ASN B 359 -1.21 14.73 1.39
CA ASN B 359 -0.75 15.68 0.39
C ASN B 359 -1.83 16.71 0.06
N ARG B 360 -3.10 16.31 0.08
CA ARG B 360 -4.18 17.26 -0.22
C ARG B 360 -4.28 18.31 0.88
N LEU B 361 -4.15 17.87 2.13
CA LEU B 361 -4.07 18.78 3.27
C LEU B 361 -2.89 19.78 3.17
N TYR B 362 -1.69 19.32 2.85
CA TYR B 362 -0.58 20.27 2.60
C TYR B 362 -0.92 21.27 1.50
N GLU B 363 -1.58 20.81 0.45
CA GLU B 363 -1.90 21.72 -0.66
C GLU B 363 -2.94 22.80 -0.29
N ILE B 364 -3.90 22.46 0.55
CA ILE B 364 -4.85 23.45 1.08
C ILE B 364 -4.09 24.48 1.94
N GLY B 365 -3.03 24.00 2.59
CA GLY B 365 -2.22 24.86 3.43
C GLY B 365 -2.48 24.73 4.93
N VAL B 366 -3.19 23.68 5.35
CA VAL B 366 -3.36 23.50 6.79
C VAL B 366 -2.05 23.00 7.40
N ASP B 367 -1.91 23.16 8.71
CA ASP B 367 -0.79 22.56 9.42
C ASP B 367 -1.10 21.08 9.64
N VAL B 368 -0.24 20.18 9.17
CA VAL B 368 -0.53 18.76 9.26
C VAL B 368 0.37 18.06 10.28
N VAL B 369 -0.28 17.40 11.24
CA VAL B 369 0.37 16.79 12.41
C VAL B 369 0.14 15.29 12.43
N TYR B 370 1.21 14.50 12.41
CA TYR B 370 1.11 13.04 12.36
C TYR B 370 2.39 12.38 12.84
N PRO B 371 2.33 11.09 13.18
CA PRO B 371 3.56 10.39 13.55
C PRO B 371 4.39 10.08 12.31
N PRO B 372 5.70 9.91 12.47
CA PRO B 372 6.42 9.93 13.75
C PRO B 372 6.90 11.32 14.14
N THR B 373 6.69 12.30 13.26
CA THR B 373 7.09 13.67 13.51
C THR B 373 6.57 14.17 14.86
N TYR B 374 5.30 13.87 15.13
CA TYR B 374 4.66 14.20 16.38
C TYR B 374 4.16 12.91 17.03
N ARG B 375 4.40 12.73 18.31
CA ARG B 375 4.04 11.46 18.93
C ARG B 375 2.58 11.46 19.39
N VAL B 376 1.66 11.26 18.43
CA VAL B 376 0.23 11.43 18.69
C VAL B 376 -0.55 10.15 18.53
N HIS B 377 0.15 9.02 18.51
CA HIS B 377 -0.54 7.73 18.48
C HIS B 377 0.20 6.65 19.28
N ALA B 378 -0.56 5.85 20.02
CA ALA B 378 -0.06 4.63 20.67
C ALA B 378 -0.85 3.47 20.13
N SER B 379 -0.14 2.43 19.70
CA SER B 379 -0.78 1.16 19.35
C SER B 379 -1.63 0.61 20.50
N GLY B 380 -2.67 -0.15 20.16
CA GLY B 380 -3.39 -0.89 21.18
C GLY B 380 -2.74 -2.22 21.55
N HIS B 381 -1.61 -2.55 20.93
CA HIS B 381 -0.99 -3.86 21.09
C HIS B 381 0.41 -3.81 21.69
N ALA B 382 0.68 -4.80 22.53
CA ALA B 382 1.95 -4.98 23.21
C ALA B 382 3.13 -5.11 22.28
N SER B 383 4.18 -4.37 22.58
CA SER B 383 5.47 -4.54 21.92
C SER B 383 6.28 -5.60 22.66
N GLN B 384 7.54 -5.82 22.25
CA GLN B 384 8.30 -6.95 22.79
C GLN B 384 8.47 -6.99 24.31
N GLU B 385 8.75 -5.86 24.94
CA GLU B 385 8.92 -5.87 26.40
C GLU B 385 7.66 -6.35 27.11
N GLU B 386 6.50 -5.94 26.60
CA GLU B 386 5.23 -6.34 27.21
C GLU B 386 4.92 -7.81 26.94
N LEU B 387 5.17 -8.28 25.71
CA LEU B 387 4.99 -9.70 25.42
C LEU B 387 5.90 -10.53 26.33
N ALA B 388 7.13 -10.06 26.52
CA ALA B 388 8.09 -10.75 27.39
C ALA B 388 7.59 -10.83 28.83
N THR B 389 7.00 -9.73 29.31
CA THR B 389 6.44 -9.68 30.65
C THR B 389 5.40 -10.78 30.85
N ILE B 390 4.50 -10.93 29.88
CA ILE B 390 3.44 -11.94 30.00
C ILE B 390 4.04 -13.35 29.95
N LEU B 391 5.00 -13.57 29.07
CA LEU B 391 5.66 -14.88 29.01
C LEU B 391 6.43 -15.20 30.30
N ASN B 392 7.16 -14.22 30.83
CA ASN B 392 7.85 -14.42 32.12
C ASN B 392 6.89 -14.66 33.29
N LEU B 393 5.78 -13.91 33.33
CA LEU B 393 4.83 -14.08 34.44
C LEU B 393 4.07 -15.41 34.41
N THR B 394 3.73 -15.88 33.21
CA THR B 394 2.89 -17.07 33.09
C THR B 394 3.71 -18.36 33.11
N ARG B 395 4.97 -18.27 32.67
CA ARG B 395 5.86 -19.43 32.58
C ARG B 395 5.19 -20.66 31.96
N PRO B 396 4.61 -20.50 30.77
CA PRO B 396 3.78 -21.59 30.23
C PRO B 396 4.61 -22.78 29.76
N LYS B 397 4.04 -23.95 29.88
CA LYS B 397 4.65 -25.16 29.34
C LYS B 397 4.61 -25.11 27.83
N PHE B 398 3.48 -24.69 27.27
CA PHE B 398 3.26 -24.72 25.84
C PHE B 398 2.78 -23.35 25.35
N PHE B 399 3.07 -23.01 24.09
CA PHE B 399 2.85 -21.65 23.60
C PHE B 399 2.30 -21.65 22.17
N LEU B 400 1.18 -20.94 21.98
CA LEU B 400 0.61 -20.67 20.66
C LEU B 400 0.56 -19.16 20.39
N PRO B 401 1.60 -18.61 19.78
CA PRO B 401 1.52 -17.22 19.34
C PRO B 401 0.37 -17.01 18.36
N TRP B 402 -0.46 -16.02 18.63
CA TRP B 402 -1.76 -15.90 17.97
C TRP B 402 -1.94 -14.45 17.50
N HIS B 403 -3.01 -14.15 16.76
CA HIS B 403 -3.30 -12.77 16.30
C HIS B 403 -2.10 -12.13 15.58
N GLY B 404 -1.63 -12.82 14.55
CA GLY B 404 -0.55 -12.29 13.74
C GLY B 404 -0.37 -13.13 12.49
N GLU B 405 0.23 -12.51 11.48
CA GLU B 405 0.68 -13.22 10.28
C GLU B 405 1.87 -14.10 10.65
N PRO B 406 2.25 -15.03 9.76
CA PRO B 406 3.38 -15.90 10.14
C PRO B 406 4.61 -15.13 10.62
N ARG B 407 4.94 -13.99 9.99
CA ARG B 407 6.09 -13.22 10.44
C ARG B 407 5.95 -12.80 11.91
N HIS B 408 4.74 -12.44 12.33
CA HIS B 408 4.52 -12.00 13.70
C HIS B 408 4.61 -13.17 14.68
N GLN B 409 3.97 -14.26 14.30
CA GLN B 409 3.89 -15.42 15.19
C GLN B 409 5.29 -15.97 15.44
N ILE B 410 6.07 -16.01 14.36
CA ILE B 410 7.37 -16.64 14.42
C ILE B 410 8.33 -15.74 15.20
N ASN B 411 8.22 -14.43 15.01
CA ASN B 411 9.02 -13.53 15.82
C ASN B 411 8.60 -13.55 17.30
N HIS B 412 7.32 -13.81 17.56
CA HIS B 412 6.86 -13.96 18.94
C HIS B 412 7.47 -15.21 19.52
N ALA B 413 7.46 -16.28 18.75
CA ALA B 413 8.10 -17.51 19.18
C ALA B 413 9.59 -17.31 19.49
N LYS B 414 10.29 -16.57 18.63
CA LYS B 414 11.71 -16.31 18.84
C LYS B 414 11.94 -15.50 20.11
N LEU B 415 11.08 -14.50 20.34
CA LEU B 415 11.17 -13.73 21.57
C LEU B 415 11.07 -14.62 22.80
N ALA B 416 10.18 -15.60 22.78
CA ALA B 416 10.02 -16.51 23.92
C ALA B 416 11.33 -17.23 24.25
N GLN B 417 12.13 -17.54 23.24
CA GLN B 417 13.38 -18.27 23.45
C GLN B 417 14.49 -17.42 24.07
N THR B 418 14.31 -16.11 24.09
CA THR B 418 15.29 -15.21 24.69
C THR B 418 15.09 -15.04 26.20
N LEU B 419 14.04 -15.66 26.74
CA LEU B 419 13.68 -15.48 28.15
C LEU B 419 14.25 -16.56 29.06
N PRO B 420 14.26 -16.33 30.40
CA PRO B 420 14.90 -17.31 31.28
C PRO B 420 14.27 -18.71 31.25
N ARG B 421 12.95 -18.78 31.12
CA ARG B 421 12.25 -20.05 31.16
C ARG B 421 11.33 -20.21 29.95
N PRO B 422 11.89 -20.60 28.80
CA PRO B 422 11.07 -20.68 27.58
C PRO B 422 10.06 -21.83 27.66
N PRO B 423 9.00 -21.79 26.82
CA PRO B 423 8.05 -22.91 26.82
C PRO B 423 8.74 -24.18 26.38
N LYS B 424 8.27 -25.34 26.85
CA LYS B 424 8.83 -26.61 26.41
C LYS B 424 8.68 -26.77 24.90
N ARG B 425 7.52 -26.35 24.39
CA ARG B 425 7.31 -26.33 22.95
C ARG B 425 6.36 -25.20 22.56
N THR B 426 6.67 -24.64 21.40
CA THR B 426 5.91 -23.57 20.78
C THR B 426 5.50 -24.03 19.38
N LEU B 427 4.25 -23.79 19.00
CA LEU B 427 3.74 -24.16 17.69
C LEU B 427 3.23 -22.92 16.96
N ILE B 428 3.34 -22.92 15.64
CA ILE B 428 2.84 -21.86 14.78
C ILE B 428 1.57 -22.42 14.14
N ALA B 429 0.43 -22.11 14.76
CA ALA B 429 -0.84 -22.65 14.26
C ALA B 429 -1.31 -21.93 13.01
N LYS B 430 -1.96 -22.68 12.12
CA LYS B 430 -2.69 -22.15 10.99
C LYS B 430 -4.18 -22.34 11.23
N ASN B 431 -5.02 -21.55 10.57
CA ASN B 431 -6.46 -21.77 10.66
C ASN B 431 -6.81 -23.17 10.19
N GLY B 432 -7.69 -23.83 10.93
CA GLY B 432 -8.06 -25.20 10.63
C GLY B 432 -7.24 -26.28 11.33
N ASP B 433 -6.07 -25.90 11.83
CA ASP B 433 -5.30 -26.85 12.65
C ASP B 433 -6.07 -27.35 13.86
N ILE B 434 -6.02 -28.66 14.10
CA ILE B 434 -6.41 -29.23 15.36
C ILE B 434 -5.15 -29.32 16.23
N VAL B 435 -5.06 -28.47 17.24
CA VAL B 435 -3.94 -28.56 18.17
C VAL B 435 -4.32 -29.37 19.40
N ASN B 436 -3.66 -30.51 19.57
CA ASN B 436 -3.93 -31.36 20.72
C ASN B 436 -3.17 -30.91 21.96
N LEU B 437 -3.89 -30.75 23.06
CA LEU B 437 -3.29 -30.33 24.32
C LEU B 437 -3.55 -31.34 25.44
N GLY B 438 -2.48 -31.78 26.09
CA GLY B 438 -2.57 -32.63 27.26
C GLY B 438 -1.42 -32.22 28.17
N PRO B 439 -1.37 -32.80 29.38
CA PRO B 439 -0.32 -32.49 30.37
C PRO B 439 1.11 -32.50 29.81
N ASP B 440 1.40 -33.44 28.93
CA ASP B 440 2.69 -33.45 28.25
C ASP B 440 2.46 -33.78 26.77
N GLU B 441 1.40 -33.21 26.21
CA GLU B 441 1.14 -33.32 24.79
C GLU B 441 0.78 -31.98 24.19
N PHE B 442 1.42 -31.66 23.08
CA PHE B 442 1.22 -30.41 22.37
C PHE B 442 1.66 -30.59 20.95
N ARG B 443 0.69 -30.84 20.07
CA ARG B 443 0.99 -31.15 18.68
C ARG B 443 -0.22 -30.89 17.79
N VAL B 444 0.04 -30.62 16.52
CA VAL B 444 -1.03 -30.58 15.54
C VAL B 444 -1.34 -32.00 15.10
N SER B 445 -2.56 -32.45 15.40
CA SER B 445 -2.94 -33.85 15.19
C SER B 445 -3.75 -34.07 13.92
N GLY B 446 -4.16 -32.98 13.27
CA GLY B 446 -4.97 -33.04 12.08
C GLY B 446 -5.44 -31.66 11.66
N THR B 447 -6.35 -31.60 10.69
CA THR B 447 -6.94 -30.34 10.26
C THR B 447 -8.45 -30.46 10.04
N VAL B 448 -9.15 -29.33 10.09
CA VAL B 448 -10.57 -29.30 9.76
C VAL B 448 -10.79 -28.22 8.71
N ALA B 449 -11.97 -28.22 8.10
CA ALA B 449 -12.27 -27.20 7.09
C ALA B 449 -12.20 -25.81 7.72
N ALA B 450 -11.40 -24.95 7.11
CA ALA B 450 -11.29 -23.55 7.52
C ALA B 450 -11.06 -22.68 6.28
N GLY B 451 -11.33 -21.39 6.40
CA GLY B 451 -11.13 -20.50 5.29
C GLY B 451 -11.96 -19.24 5.34
N ALA B 452 -12.07 -18.58 4.18
CA ALA B 452 -12.73 -17.29 4.09
C ALA B 452 -14.04 -17.36 3.31
N VAL B 453 -15.01 -16.57 3.73
CA VAL B 453 -16.24 -16.35 2.98
C VAL B 453 -16.34 -14.85 2.71
N TYR B 454 -16.54 -14.46 1.45
CA TYR B 454 -16.58 -13.05 1.09
C TYR B 454 -17.98 -12.45 1.20
N VAL B 455 -18.06 -11.24 1.73
CA VAL B 455 -19.32 -10.50 1.72
C VAL B 455 -19.17 -9.33 0.78
N ASP B 456 -20.08 -9.25 -0.19
CA ASP B 456 -20.06 -8.21 -1.19
C ASP B 456 -21.47 -7.68 -1.35
N GLY B 457 -21.73 -6.49 -0.81
CA GLY B 457 -23.07 -5.96 -0.74
C GLY B 457 -23.90 -6.80 0.22
N LEU B 458 -25.04 -7.27 -0.25
CA LEU B 458 -25.91 -8.11 0.57
C LEU B 458 -25.49 -9.58 0.49
N GLY B 459 -24.79 -9.93 -0.57
CA GLY B 459 -24.44 -11.31 -0.85
C GLY B 459 -23.32 -11.90 -0.02
N VAL B 460 -23.54 -13.11 0.48
CA VAL B 460 -22.57 -13.82 1.29
C VAL B 460 -22.11 -15.08 0.57
N GLY B 461 -20.86 -15.10 0.14
CA GLY B 461 -20.32 -16.26 -0.55
C GLY B 461 -20.71 -16.41 -2.01
N ASP B 462 -21.39 -15.41 -2.57
CA ASP B 462 -21.68 -15.43 -4.00
C ASP B 462 -20.44 -15.04 -4.79
N VAL B 463 -19.55 -14.30 -4.14
CA VAL B 463 -18.26 -13.94 -4.73
C VAL B 463 -17.18 -14.84 -4.15
N ASN B 464 -16.50 -15.58 -5.01
CA ASN B 464 -15.38 -16.40 -4.57
C ASN B 464 -14.09 -16.02 -5.30
N ASP B 465 -13.06 -16.83 -5.11
CA ASP B 465 -11.75 -16.56 -5.69
C ASP B 465 -11.77 -16.58 -7.21
N ASP B 466 -12.61 -17.44 -7.78
CA ASP B 466 -12.75 -17.51 -9.23
C ASP B 466 -13.27 -16.18 -9.77
N VAL B 467 -14.32 -15.67 -9.15
CA VAL B 467 -14.89 -14.38 -9.52
C VAL B 467 -13.87 -13.23 -9.39
N LEU B 468 -13.10 -13.26 -8.30
CA LEU B 468 -12.07 -12.25 -8.08
C LEU B 468 -11.02 -12.27 -9.18
N LEU B 469 -10.68 -13.47 -9.62
CA LEU B 469 -9.72 -13.64 -10.70
C LEU B 469 -10.19 -12.88 -11.94
N ASP B 470 -11.48 -12.99 -12.23
CA ASP B 470 -12.11 -12.27 -13.32
C ASP B 470 -12.00 -10.76 -13.14
N ARG B 471 -12.30 -10.29 -11.94
CA ARG B 471 -12.22 -8.86 -11.67
C ARG B 471 -10.79 -8.34 -11.88
N VAL B 472 -9.81 -9.16 -11.54
CA VAL B 472 -8.40 -8.79 -11.71
C VAL B 472 -8.05 -8.65 -13.19
N ASN B 473 -8.52 -9.58 -14.00
CA ASN B 473 -8.27 -9.54 -15.43
C ASN B 473 -8.91 -8.34 -16.09
N LEU B 474 -10.17 -8.09 -15.77
CA LEU B 474 -10.87 -6.91 -16.28
C LEU B 474 -10.06 -5.65 -15.95
N SER B 475 -9.65 -5.54 -14.69
CA SER B 475 -8.97 -4.35 -14.20
C SER B 475 -7.63 -4.09 -14.88
N GLN B 476 -6.92 -5.16 -15.24
CA GLN B 476 -5.60 -5.00 -15.79
C GLN B 476 -5.61 -4.85 -17.31
N GLU B 477 -6.53 -5.55 -17.98
CA GLU B 477 -6.46 -5.62 -19.44
C GLU B 477 -7.68 -5.06 -20.19
N GLY B 478 -8.77 -4.84 -19.49
CA GLY B 478 -9.96 -4.25 -20.12
C GLY B 478 -10.82 -5.24 -20.89
N LEU B 479 -11.81 -4.74 -21.62
CA LEU B 479 -12.78 -5.61 -22.28
C LEU B 479 -13.18 -5.21 -23.71
N LEU B 480 -13.33 -6.22 -24.57
CA LEU B 480 -13.96 -6.05 -25.89
C LEU B 480 -15.11 -7.04 -26.08
N ILE B 481 -16.31 -6.54 -26.30
CA ILE B 481 -17.43 -7.41 -26.61
C ILE B 481 -17.71 -7.44 -28.10
N LEU B 482 -17.73 -8.65 -28.66
CA LEU B 482 -17.88 -8.81 -30.11
C LEU B 482 -19.16 -9.57 -30.46
N THR B 483 -20.08 -8.90 -31.13
CA THR B 483 -21.26 -9.56 -31.66
C THR B 483 -21.00 -9.96 -33.11
N ALA B 484 -20.93 -11.26 -33.37
CA ALA B 484 -20.64 -11.74 -34.72
C ALA B 484 -21.86 -12.35 -35.38
N VAL B 485 -22.15 -11.88 -36.59
CA VAL B 485 -23.32 -12.32 -37.33
C VAL B 485 -22.96 -12.84 -38.71
N LEU B 486 -23.33 -14.09 -38.99
CA LEU B 486 -23.15 -14.65 -40.33
C LEU B 486 -24.18 -14.06 -41.30
N HIS B 487 -25.35 -13.73 -40.78
CA HIS B 487 -26.42 -13.17 -41.61
C HIS B 487 -26.29 -11.64 -41.65
N PRO B 488 -26.57 -11.03 -42.82
CA PRO B 488 -26.90 -11.70 -44.08
C PRO B 488 -25.64 -12.31 -44.68
N THR B 489 -24.54 -11.61 -44.47
CA THR B 489 -23.21 -12.01 -44.89
C THR B 489 -22.35 -11.80 -43.65
N PRO B 490 -21.33 -12.65 -43.44
CA PRO B 490 -20.57 -12.60 -42.18
C PRO B 490 -19.99 -11.23 -41.85
N HIS B 491 -20.20 -10.77 -40.61
CA HIS B 491 -19.65 -9.51 -40.14
C HIS B 491 -19.60 -9.50 -38.62
N VAL B 492 -18.73 -8.66 -38.06
CA VAL B 492 -18.53 -8.61 -36.62
C VAL B 492 -18.66 -7.17 -36.09
N GLU B 493 -19.18 -7.03 -34.88
CA GLU B 493 -19.42 -5.71 -34.28
C GLU B 493 -18.80 -5.61 -32.88
N VAL B 494 -18.49 -4.39 -32.44
CA VAL B 494 -17.62 -4.21 -31.26
C VAL B 494 -18.05 -3.16 -30.23
N VAL B 495 -18.05 -3.59 -28.96
CA VAL B 495 -18.19 -2.69 -27.82
C VAL B 495 -16.93 -2.81 -26.95
N ALA B 496 -16.35 -1.68 -26.56
CA ALA B 496 -15.11 -1.67 -25.77
C ALA B 496 -15.26 -1.07 -24.39
N ARG B 497 -14.62 -1.70 -23.40
CA ARG B 497 -14.54 -1.17 -22.04
C ARG B 497 -13.11 -1.29 -21.51
N GLY B 498 -12.53 -0.16 -21.10
CA GLY B 498 -11.24 -0.15 -20.46
C GLY B 498 -10.09 -0.79 -21.24
N PHE B 499 -10.21 -0.84 -22.57
CA PHE B 499 -9.16 -1.43 -23.39
C PHE B 499 -8.21 -0.36 -23.92
N ALA B 500 -8.78 0.63 -24.60
CA ALA B 500 -8.02 1.73 -25.18
C ALA B 500 -9.00 2.84 -25.56
N ARG B 501 -8.48 4.05 -25.74
CA ARG B 501 -9.33 5.15 -26.16
C ARG B 501 -9.78 4.87 -27.60
N PRO B 502 -10.86 5.54 -28.05
CA PRO B 502 -11.38 5.26 -29.39
C PRO B 502 -10.33 5.39 -30.48
N ASN B 503 -10.16 4.35 -31.28
CA ASN B 503 -9.26 4.40 -32.44
C ASN B 503 -9.93 3.78 -33.65
N ARG B 504 -10.28 4.63 -34.62
CA ARG B 504 -10.96 4.19 -35.84
C ARG B 504 -10.10 3.18 -36.59
N ASP B 505 -8.84 3.52 -36.79
CA ASP B 505 -7.85 2.62 -37.36
C ASP B 505 -7.93 1.24 -36.69
N LEU B 506 -7.73 1.22 -35.38
CA LEU B 506 -7.72 -0.02 -34.61
C LEU B 506 -9.05 -0.76 -34.72
N GLU B 507 -10.15 -0.02 -34.57
CA GLU B 507 -11.47 -0.63 -34.55
C GLU B 507 -11.78 -1.37 -35.85
N LEU B 508 -11.40 -0.76 -36.98
CA LEU B 508 -11.67 -1.35 -38.28
C LEU B 508 -10.90 -2.64 -38.44
N GLN B 509 -9.65 -2.63 -38.01
CA GLN B 509 -8.79 -3.79 -38.15
C GLN B 509 -9.28 -5.00 -37.33
N ILE B 510 -9.90 -4.77 -36.19
CA ILE B 510 -10.30 -5.89 -35.34
C ILE B 510 -11.50 -6.62 -35.93
N ARG B 511 -12.41 -5.88 -36.54
CA ARG B 511 -13.55 -6.48 -37.22
C ARG B 511 -13.04 -7.38 -38.34
N ARG B 512 -12.11 -6.84 -39.12
CA ARG B 512 -11.50 -7.56 -40.23
C ARG B 512 -10.89 -8.88 -39.79
N VAL B 513 -10.25 -8.88 -38.62
CA VAL B 513 -9.65 -10.10 -38.08
C VAL B 513 -10.74 -11.11 -37.72
N ALA B 514 -11.79 -10.63 -37.08
CA ALA B 514 -12.87 -11.49 -36.64
C ALA B 514 -13.71 -11.96 -37.83
N LEU B 515 -13.90 -11.08 -38.82
CA LEU B 515 -14.69 -11.39 -40.00
C LEU B 515 -13.95 -12.33 -40.94
N GLU B 516 -12.63 -12.18 -41.01
CA GLU B 516 -11.81 -13.08 -41.81
C GLU B 516 -11.84 -14.47 -41.19
N ALA B 517 -11.89 -14.50 -39.87
CA ALA B 517 -11.93 -15.77 -39.16
C ALA B 517 -13.26 -16.48 -39.37
N VAL B 518 -14.37 -15.74 -39.45
CA VAL B 518 -15.63 -16.41 -39.77
C VAL B 518 -15.59 -16.88 -41.22
N GLU B 519 -14.77 -16.26 -42.05
CA GLU B 519 -14.70 -16.63 -43.48
C GLU B 519 -14.20 -18.07 -43.67
N GLN B 520 -13.09 -18.42 -43.03
CA GLN B 520 -12.61 -19.80 -43.04
C GLN B 520 -13.70 -20.70 -42.47
N GLY B 521 -14.35 -20.20 -41.42
CA GLY B 521 -15.50 -20.85 -40.84
C GLY B 521 -16.71 -20.82 -41.78
N LEU B 522 -16.94 -19.70 -42.46
CA LEU B 522 -18.14 -19.56 -43.30
C LEU B 522 -18.09 -20.41 -44.57
N ARG B 523 -16.94 -20.42 -45.25
CA ARG B 523 -16.78 -21.21 -46.47
C ARG B 523 -16.94 -22.68 -46.17
N GLU B 524 -16.27 -23.14 -45.11
CA GLU B 524 -16.54 -24.47 -44.56
C GLU B 524 -17.91 -24.41 -43.89
N LYS B 525 -18.52 -25.56 -43.62
CA LYS B 525 -19.72 -25.56 -42.82
C LYS B 525 -19.30 -25.30 -41.37
N LYS B 526 -19.80 -24.24 -40.76
CA LYS B 526 -19.38 -23.88 -39.41
C LYS B 526 -20.50 -23.90 -38.39
N ARG B 527 -20.30 -24.67 -37.33
CA ARG B 527 -21.19 -24.67 -36.18
C ARG B 527 -21.05 -23.34 -35.45
N LEU B 528 -22.07 -22.99 -34.66
CA LEU B 528 -22.07 -21.75 -33.89
C LEU B 528 -20.93 -21.73 -32.88
N GLU B 529 -20.75 -22.85 -32.18
CA GLU B 529 -19.73 -22.95 -31.14
C GLU B 529 -18.31 -22.94 -31.71
N ASP B 530 -18.09 -23.71 -32.78
CA ASP B 530 -16.77 -23.88 -33.38
C ASP B 530 -16.18 -22.56 -33.86
N VAL B 531 -17.05 -21.68 -34.38
CA VAL B 531 -16.61 -20.41 -34.96
C VAL B 531 -15.95 -19.49 -33.93
N ARG B 532 -16.58 -19.37 -32.77
CA ARG B 532 -16.13 -18.45 -31.72
C ARG B 532 -14.65 -18.60 -31.40
N ASP B 533 -14.25 -19.82 -31.03
CA ASP B 533 -12.87 -20.12 -30.65
C ASP B 533 -11.87 -19.72 -31.74
N ASP B 534 -12.25 -19.91 -33.00
CA ASP B 534 -11.38 -19.61 -34.12
C ASP B 534 -11.12 -18.12 -34.27
N MET B 535 -12.19 -17.32 -34.22
CA MET B 535 -12.04 -15.87 -34.34
C MET B 535 -11.51 -15.26 -33.06
N TYR B 536 -11.85 -15.88 -31.94
CA TYR B 536 -11.30 -15.47 -30.66
C TYR B 536 -9.80 -15.56 -30.74
N GLY B 537 -9.33 -16.63 -31.37
CA GLY B 537 -7.91 -16.81 -31.61
C GLY B 537 -7.41 -15.75 -32.56
N ALA B 538 -8.26 -15.34 -33.50
CA ALA B 538 -7.88 -14.32 -34.47
C ALA B 538 -7.65 -12.98 -33.77
N VAL B 539 -8.61 -12.56 -32.95
CA VAL B 539 -8.48 -11.27 -32.27
C VAL B 539 -7.35 -11.26 -31.25
N ARG B 540 -7.23 -12.32 -30.45
CA ARG B 540 -6.15 -12.42 -29.47
C ARG B 540 -4.79 -12.32 -30.16
N ARG B 541 -4.65 -13.01 -31.28
CA ARG B 541 -3.42 -12.94 -32.07
C ARG B 541 -3.20 -11.52 -32.59
N PHE B 542 -4.28 -10.91 -33.06
CA PHE B 542 -4.21 -9.58 -33.63
C PHE B 542 -4.05 -8.48 -32.58
N THR B 543 -5.00 -8.41 -31.65
CA THR B 543 -4.99 -7.36 -30.63
C THR B 543 -3.67 -7.35 -29.89
N ARG B 544 -3.14 -8.53 -29.59
CA ARG B 544 -1.82 -8.64 -28.98
C ARG B 544 -0.76 -8.06 -29.91
N LYS B 545 -0.92 -8.29 -31.21
CA LYS B 545 0.02 -7.77 -32.18
C LYS B 545 -0.03 -6.24 -32.23
N ALA B 546 -1.24 -5.70 -32.35
CA ALA B 546 -1.44 -4.26 -32.53
C ALA B 546 -1.16 -3.43 -31.27
N THR B 547 -1.61 -3.90 -30.11
CA THR B 547 -1.49 -3.11 -28.88
C THR B 547 -0.54 -3.72 -27.86
N GLY B 548 -0.32 -5.02 -27.93
CA GLY B 548 0.58 -5.69 -27.00
C GLY B 548 -0.13 -6.09 -25.72
N ARG B 549 -1.46 -5.93 -25.73
CA ARG B 549 -2.24 -6.16 -24.53
C ARG B 549 -3.20 -7.33 -24.71
N ASN B 550 -3.58 -7.93 -23.60
CA ASN B 550 -4.43 -9.11 -23.63
C ASN B 550 -5.77 -8.88 -22.97
N PRO B 551 -6.65 -8.11 -23.61
CA PRO B 551 -7.95 -7.78 -23.01
C PRO B 551 -8.89 -8.97 -23.05
N VAL B 552 -9.77 -9.04 -22.06
CA VAL B 552 -10.83 -10.05 -22.09
C VAL B 552 -11.74 -9.73 -23.27
N LEU B 553 -12.12 -10.76 -24.01
CA LEU B 553 -13.08 -10.59 -25.09
C LEU B 553 -14.21 -11.58 -24.87
N ILE B 554 -15.45 -11.11 -24.98
CA ILE B 554 -16.56 -12.04 -24.91
C ILE B 554 -17.24 -12.06 -26.28
N PRO B 555 -17.00 -13.16 -27.02
CA PRO B 555 -17.66 -13.43 -28.32
C PRO B 555 -19.15 -13.65 -28.15
N MET B 556 -19.91 -13.30 -29.18
CA MET B 556 -21.36 -13.37 -29.11
C MET B 556 -21.98 -13.54 -30.49
N ILE B 557 -22.98 -14.40 -30.58
CA ILE B 557 -23.71 -14.59 -31.84
C ILE B 557 -25.21 -14.43 -31.60
N VAL B 558 -25.84 -13.59 -32.42
CA VAL B 558 -27.27 -13.36 -32.31
C VAL B 558 -28.08 -14.51 -32.90
#